data_7TA0
#
_entry.id   7TA0
#
_cell.length_a   114.906
_cell.length_b   114.906
_cell.length_c   185.181
_cell.angle_alpha   90.00
_cell.angle_beta   90.00
_cell.angle_gamma   120.00
#
_symmetry.space_group_name_H-M   'P 32 2 1'
#
loop_
_entity.id
_entity.type
_entity.pdbx_description
1 polymer 'Ornithine aminotransferase, mitochondrial'
2 non-polymer '5-[({3-hydroxy-2-methyl-5-[(phosphonooxy)methyl]pyridin-4-yl}methyl)amino]pentanoic acid'
3 non-polymer 'PHOSPHATE ION'
4 water water
#
_entity_poly.entity_id   1
_entity_poly.type   'polypeptide(L)'
_entity_poly.pdbx_seq_one_letter_code
;MFSKLAHLQRFAVLSRGVHSSVASATSVATKKTVQGPPTSDDIFEREYKYGAHNYHPLPVALERGKGIYLWDVEGRKYFD
FLSSYSAVNQGHCHPKIVNALKSQVDKLTLTSRAFYNNVLGEYEEYITKLFNYHKVLPMNTGVEAGETACKLARKWGYTV
KGIQKYKAKIVFAAGNFWGRTLSAISSSTDPTSYDGFGPFMPGFDIIPYNDLPALERALQDPNVAAFMVEPIQGEAGVVV
PDPGYLMGVRELCTRHQVLFIADEIQTGLARTGRWLAVDYENVRPDIVLLGKALSGGLYPVSAVLCDDDIMLTIKPGEHG
STYGGNPLGCRVAIAALEVLEEENLAENADKLGIILRNELMKLPSDVVTAVRGKGLLNAIVIKETKDWDAWKVCLRLRDN
GLLAKPTHGDIIRFAPPLVIKEDELRESIEIINKTILSF
;
_entity_poly.pdbx_strand_id   A,B,C
#
loop_
_chem_comp.id
_chem_comp.type
_chem_comp.name
_chem_comp.formula
I3B non-polymer '5-[({3-hydroxy-2-methyl-5-[(phosphonooxy)methyl]pyridin-4-yl}methyl)amino]pentanoic acid' 'C13 H21 N2 O7 P'
PO4 non-polymer 'PHOSPHATE ION' 'O4 P -3'
#
# COMPACT_ATOMS: atom_id res chain seq x y z
N PRO A 37 -36.39 12.20 25.62
CA PRO A 37 -35.34 12.90 26.37
C PRO A 37 -34.39 11.94 27.07
N PRO A 38 -33.31 11.53 26.38
CA PRO A 38 -32.38 10.55 26.97
C PRO A 38 -31.68 11.14 28.19
N THR A 39 -31.67 10.37 29.27
CA THR A 39 -30.99 10.77 30.49
C THR A 39 -29.52 10.37 30.43
N SER A 40 -28.76 10.80 31.43
CA SER A 40 -27.33 10.52 31.46
C SER A 40 -27.06 9.02 31.51
N ASP A 41 -27.79 8.30 32.36
CA ASP A 41 -27.63 6.85 32.43
C ASP A 41 -28.01 6.19 31.12
N ASP A 42 -29.06 6.69 30.46
CA ASP A 42 -29.46 6.15 29.16
C ASP A 42 -28.33 6.28 28.14
N ILE A 43 -27.60 7.40 28.18
CA ILE A 43 -26.50 7.61 27.25
C ILE A 43 -25.38 6.61 27.51
N PHE A 44 -25.11 6.30 28.78
CA PHE A 44 -24.06 5.35 29.12
C PHE A 44 -24.40 3.97 28.58
N GLU A 45 -25.63 3.50 28.82
CA GLU A 45 -26.00 2.15 28.40
C GLU A 45 -26.12 2.03 26.88
N ARG A 46 -26.48 3.14 26.20
CA ARG A 46 -26.60 3.07 24.75
C ARG A 46 -25.23 2.93 24.08
N GLU A 47 -24.24 3.69 24.56
CA GLU A 47 -22.89 3.55 24.04
C GLU A 47 -22.30 2.19 24.40
N TYR A 48 -22.65 1.66 25.58
CA TYR A 48 -22.18 0.34 25.96
C TYR A 48 -22.72 -0.73 25.02
N LYS A 49 -23.96 -0.57 24.57
CA LYS A 49 -24.59 -1.60 23.75
C LYS A 49 -24.07 -1.58 22.31
N TYR A 50 -23.97 -0.41 21.71
CA TYR A 50 -23.71 -0.29 20.28
C TYR A 50 -22.32 0.25 19.96
N GLY A 51 -21.53 0.64 20.95
CA GLY A 51 -20.21 1.20 20.74
C GLY A 51 -19.12 0.30 21.29
N ALA A 52 -17.94 0.39 20.68
CA ALA A 52 -16.79 -0.36 21.15
C ALA A 52 -16.41 0.10 22.56
N HIS A 53 -15.81 -0.82 23.32
CA HIS A 53 -15.41 -0.56 24.70
C HIS A 53 -13.94 -0.17 24.80
N ASN A 54 -13.45 0.67 23.90
CA ASN A 54 -12.05 1.11 23.94
C ASN A 54 -11.82 2.28 24.87
N TYR A 55 -12.87 2.77 25.54
CA TYR A 55 -12.74 3.85 26.50
C TYR A 55 -13.50 3.50 27.78
N HIS A 56 -13.07 4.12 28.87
CA HIS A 56 -13.83 4.16 30.13
C HIS A 56 -13.83 5.62 30.58
N PRO A 57 -14.72 6.43 30.04
CA PRO A 57 -14.73 7.86 30.37
C PRO A 57 -15.30 8.10 31.76
N LEU A 58 -15.02 9.31 32.26
CA LEU A 58 -15.67 9.77 33.48
C LEU A 58 -17.18 9.80 33.26
N PRO A 59 -17.97 9.26 34.17
CA PRO A 59 -19.42 9.19 33.93
C PRO A 59 -20.10 10.55 33.98
N VAL A 60 -20.06 11.27 32.86
CA VAL A 60 -20.80 12.52 32.69
C VAL A 60 -21.11 12.66 31.21
N ALA A 61 -22.35 13.04 30.90
CA ALA A 61 -22.86 13.06 29.53
C ALA A 61 -23.11 14.50 29.11
N LEU A 62 -22.17 15.07 28.37
CA LEU A 62 -22.25 16.46 27.93
C LEU A 62 -23.04 16.58 26.63
N GLU A 63 -23.82 17.65 26.53
CA GLU A 63 -24.58 17.94 25.32
C GLU A 63 -24.37 19.37 24.81
N ARG A 64 -23.79 20.26 25.60
CA ARG A 64 -23.57 21.63 25.19
C ARG A 64 -22.28 22.15 25.79
N GLY A 65 -21.60 23.01 25.04
CA GLY A 65 -20.36 23.61 25.50
C GLY A 65 -20.15 24.99 24.91
N LYS A 66 -19.68 25.93 25.73
CA LYS A 66 -19.43 27.29 25.26
C LYS A 66 -18.34 27.90 26.12
N GLY A 67 -17.26 28.34 25.47
CA GLY A 67 -16.15 28.94 26.20
C GLY A 67 -15.50 27.91 27.11
N ILE A 68 -15.53 28.20 28.42
CA ILE A 68 -14.90 27.33 29.42
C ILE A 68 -15.90 26.42 30.10
N TYR A 69 -17.16 26.43 29.70
CA TYR A 69 -18.21 25.70 30.39
C TYR A 69 -18.75 24.57 29.53
N LEU A 70 -19.15 23.49 30.21
CA LEU A 70 -19.83 22.36 29.58
C LEU A 70 -21.12 22.08 30.36
N TRP A 71 -22.17 21.72 29.63
CA TRP A 71 -23.46 21.39 30.22
C TRP A 71 -23.81 19.96 29.90
N ASP A 72 -24.35 19.25 30.89
CA ASP A 72 -24.79 17.87 30.67
C ASP A 72 -26.27 17.85 30.29
N VAL A 73 -26.79 16.64 30.07
CA VAL A 73 -28.16 16.51 29.58
C VAL A 73 -29.18 16.88 30.65
N GLU A 74 -28.78 16.93 31.92
CA GLU A 74 -29.66 17.35 33.00
C GLU A 74 -29.60 18.85 33.25
N GLY A 75 -28.79 19.58 32.51
CA GLY A 75 -28.68 21.02 32.67
C GLY A 75 -27.60 21.49 33.62
N ARG A 76 -26.88 20.58 34.26
CA ARG A 76 -25.83 20.97 35.18
C ARG A 76 -24.67 21.62 34.43
N LYS A 77 -24.01 22.56 35.09
CA LYS A 77 -22.97 23.38 34.49
C LYS A 77 -21.62 23.03 35.11
N TYR A 78 -20.59 22.88 34.27
CA TYR A 78 -19.29 22.43 34.71
C TYR A 78 -18.19 23.35 34.18
N PHE A 79 -17.13 23.48 34.98
CA PHE A 79 -15.87 24.01 34.48
C PHE A 79 -15.15 22.92 33.69
N ASP A 80 -14.67 23.25 32.49
CA ASP A 80 -13.92 22.30 31.68
C ASP A 80 -12.43 22.52 31.97
N PHE A 81 -11.82 21.57 32.67
CA PHE A 81 -10.40 21.63 32.99
C PHE A 81 -9.62 20.52 32.31
N LEU A 82 -10.04 20.13 31.10
CA LEU A 82 -9.29 19.20 30.27
C LEU A 82 -9.08 19.83 28.89
N SER A 83 -10.08 20.59 28.44
CA SER A 83 -10.04 21.30 27.16
C SER A 83 -9.88 20.34 25.98
N SER A 84 -10.40 19.12 26.13
CA SER A 84 -10.28 18.07 25.12
C SER A 84 -8.83 17.88 24.70
N TYR A 85 -7.93 17.80 25.68
CA TYR A 85 -6.51 17.61 25.46
C TYR A 85 -5.92 18.76 24.65
N SER A 86 -6.26 19.99 25.08
CA SER A 86 -5.83 21.23 24.45
C SER A 86 -6.36 21.40 23.03
N ALA A 87 -7.47 20.74 22.69
CA ALA A 87 -8.04 20.93 21.36
C ALA A 87 -8.97 22.13 21.31
N VAL A 88 -9.56 22.52 22.44
CA VAL A 88 -10.40 23.72 22.49
C VAL A 88 -9.74 24.77 23.37
N ASN A 89 -8.46 25.07 23.08
CA ASN A 89 -7.78 26.16 23.77
C ASN A 89 -8.57 27.45 23.69
N GLN A 90 -9.23 27.68 22.55
CA GLN A 90 -10.01 28.88 22.32
C GLN A 90 -11.41 28.80 22.90
N GLY A 91 -11.69 27.81 23.73
CA GLY A 91 -13.02 27.62 24.28
C GLY A 91 -13.92 26.85 23.33
N HIS A 92 -14.96 26.23 23.92
CA HIS A 92 -15.92 25.48 23.13
C HIS A 92 -16.74 26.43 22.27
N CYS A 93 -16.79 26.14 20.96
CA CYS A 93 -17.65 26.86 20.02
C CYS A 93 -17.37 28.36 20.04
N HIS A 94 -16.11 28.73 19.81
CA HIS A 94 -15.77 30.13 19.69
C HIS A 94 -16.50 30.72 18.49
N PRO A 95 -17.22 31.83 18.66
CA PRO A 95 -18.07 32.32 17.56
C PRO A 95 -17.32 32.66 16.29
N LYS A 96 -16.05 33.08 16.39
CA LYS A 96 -15.29 33.41 15.19
C LYS A 96 -14.96 32.16 14.39
N ILE A 97 -14.57 31.08 15.07
CA ILE A 97 -14.29 29.82 14.37
C ILE A 97 -15.59 29.22 13.84
N VAL A 98 -16.66 29.30 14.62
CA VAL A 98 -17.95 28.78 14.16
C VAL A 98 -18.42 29.51 12.92
N ASN A 99 -18.22 30.84 12.88
CA ASN A 99 -18.66 31.62 11.74
C ASN A 99 -17.85 31.28 10.48
N ALA A 100 -16.56 30.99 10.66
CA ALA A 100 -15.74 30.58 9.51
C ALA A 100 -16.24 29.26 8.95
N LEU A 101 -16.61 28.31 9.82
CA LEU A 101 -17.13 27.04 9.37
C LEU A 101 -18.50 27.22 8.71
N LYS A 102 -19.35 28.07 9.28
CA LYS A 102 -20.68 28.28 8.72
C LYS A 102 -20.64 28.98 7.39
N SER A 103 -19.61 29.79 7.14
CA SER A 103 -19.51 30.52 5.88
C SER A 103 -18.93 29.66 4.76
N GLN A 104 -18.02 28.75 5.08
CA GLN A 104 -17.36 27.94 4.07
C GLN A 104 -18.15 26.69 3.71
N VAL A 105 -18.97 26.17 4.63
CA VAL A 105 -19.69 24.94 4.39
C VAL A 105 -20.69 25.08 3.24
N ASP A 106 -21.12 26.31 2.93
CA ASP A 106 -22.06 26.53 1.85
C ASP A 106 -21.39 26.74 0.51
N LYS A 107 -20.11 27.10 0.49
CA LYS A 107 -19.37 27.29 -0.75
C LYS A 107 -18.78 25.98 -1.26
N LEU A 108 -17.94 25.34 -0.45
CA LEU A 108 -17.13 24.21 -0.87
C LEU A 108 -16.46 23.57 0.34
N THR A 109 -16.49 22.24 0.41
CA THR A 109 -15.92 21.53 1.55
C THR A 109 -14.80 20.56 1.19
N LEU A 110 -14.86 19.90 0.03
CA LEU A 110 -13.86 18.88 -0.29
C LEU A 110 -13.82 18.67 -1.79
N THR A 111 -12.69 19.01 -2.41
CA THR A 111 -12.42 18.68 -3.80
C THR A 111 -11.44 17.52 -3.94
N SER A 112 -10.82 17.11 -2.83
CA SER A 112 -9.61 16.28 -2.82
C SER A 112 -8.46 17.06 -3.43
N ARG A 113 -7.24 16.60 -3.22
CA ARG A 113 -6.07 17.31 -3.73
C ARG A 113 -5.71 16.92 -5.16
N ALA A 114 -6.57 16.13 -5.82
CA ALA A 114 -6.41 15.91 -7.25
C ALA A 114 -6.68 17.17 -8.06
N PHE A 115 -7.43 18.11 -7.49
CA PHE A 115 -7.62 19.44 -8.05
C PHE A 115 -7.15 20.46 -7.03
N TYR A 116 -7.10 21.72 -7.46
CA TYR A 116 -6.79 22.82 -6.56
C TYR A 116 -8.08 23.41 -6.00
N ASN A 117 -7.99 23.91 -4.77
CA ASN A 117 -9.04 24.73 -4.18
C ASN A 117 -8.44 26.06 -3.74
N ASN A 118 -9.28 27.09 -3.69
CA ASN A 118 -8.80 28.45 -3.48
C ASN A 118 -8.42 28.76 -2.04
N VAL A 119 -8.81 27.91 -1.09
CA VAL A 119 -8.58 28.23 0.32
C VAL A 119 -7.25 27.71 0.84
N LEU A 120 -6.77 26.58 0.31
CA LEU A 120 -5.60 25.90 0.90
C LEU A 120 -4.36 26.79 0.85
N GLY A 121 -4.09 27.41 -0.30
CA GLY A 121 -2.91 28.26 -0.42
C GLY A 121 -2.93 29.44 0.54
N GLU A 122 -4.12 29.98 0.82
CA GLU A 122 -4.23 31.05 1.81
C GLU A 122 -3.76 30.58 3.18
N TYR A 123 -4.28 29.44 3.63
CA TYR A 123 -3.88 28.89 4.93
C TYR A 123 -2.40 28.54 4.94
N GLU A 124 -1.89 28.00 3.84
CA GLU A 124 -0.48 27.62 3.78
C GLU A 124 0.44 28.82 3.95
N GLU A 125 0.14 29.92 3.24
CA GLU A 125 0.96 31.12 3.42
C GLU A 125 0.82 31.69 4.82
N TYR A 126 -0.38 31.60 5.40
CA TYR A 126 -0.60 32.15 6.73
C TYR A 126 0.18 31.35 7.77
N ILE A 127 0.06 30.03 7.77
CA ILE A 127 0.66 29.24 8.84
C ILE A 127 2.18 29.15 8.68
N THR A 128 2.68 29.15 7.45
CA THR A 128 4.13 29.11 7.26
C THR A 128 4.78 30.41 7.71
N LYS A 129 4.24 31.55 7.26
CA LYS A 129 4.79 32.83 7.67
C LYS A 129 4.63 33.06 9.17
N LEU A 130 3.57 32.53 9.77
CA LEU A 130 3.34 32.72 11.20
C LEU A 130 4.42 32.03 12.02
N PHE A 131 4.75 30.79 11.67
CA PHE A 131 5.74 30.01 12.40
C PHE A 131 7.12 30.07 11.79
N ASN A 132 7.27 30.77 10.65
CA ASN A 132 8.56 30.97 10.00
C ASN A 132 9.19 29.67 9.53
N TYR A 133 8.45 28.90 8.72
CA TYR A 133 9.00 27.76 8.00
C TYR A 133 8.67 27.92 6.52
N HIS A 134 9.43 27.21 5.68
CA HIS A 134 9.22 27.33 4.23
C HIS A 134 7.85 26.80 3.82
N LYS A 135 7.51 25.59 4.26
CA LYS A 135 6.34 24.90 3.73
C LYS A 135 5.60 24.20 4.86
N VAL A 136 4.38 23.77 4.55
CA VAL A 136 3.54 23.01 5.46
C VAL A 136 2.90 21.87 4.68
N LEU A 137 2.79 20.71 5.33
CA LEU A 137 2.08 19.57 4.75
C LEU A 137 0.81 19.35 5.55
N PRO A 138 -0.37 19.53 4.96
CA PRO A 138 -1.60 19.44 5.75
C PRO A 138 -2.09 18.01 5.90
N MET A 139 -2.51 17.68 7.13
CA MET A 139 -3.15 16.41 7.43
C MET A 139 -4.32 16.69 8.36
N ASN A 140 -4.97 15.62 8.83
CA ASN A 140 -6.19 15.74 9.61
C ASN A 140 -5.97 15.51 11.10
N THR A 141 -5.49 14.33 11.48
CA THR A 141 -5.33 13.98 12.88
C THR A 141 -3.89 14.14 13.32
N GLY A 142 -3.71 14.17 14.64
CA GLY A 142 -2.37 14.33 15.18
C GLY A 142 -1.44 13.18 14.83
N VAL A 143 -1.95 11.95 14.91
CA VAL A 143 -1.11 10.79 14.58
C VAL A 143 -0.73 10.81 13.11
N GLU A 144 -1.58 11.37 12.24
CA GLU A 144 -1.23 11.47 10.83
C GLU A 144 -0.09 12.45 10.61
N ALA A 145 -0.02 13.51 11.41
CA ALA A 145 1.13 14.41 11.35
C ALA A 145 2.39 13.72 11.82
N GLY A 146 2.28 12.83 12.82
CA GLY A 146 3.43 12.07 13.25
C GLY A 146 3.91 11.10 12.18
N GLU A 147 2.98 10.36 11.58
CA GLU A 147 3.33 9.46 10.48
C GLU A 147 4.00 10.22 9.35
N THR A 148 3.48 11.41 9.03
CA THR A 148 4.08 12.22 7.96
C THR A 148 5.49 12.64 8.33
N ALA A 149 5.72 13.00 9.60
CA ALA A 149 7.05 13.39 10.03
C ALA A 149 8.03 12.23 9.93
N CYS A 150 7.58 11.01 10.26
CA CYS A 150 8.46 9.85 10.14
C CYS A 150 8.80 9.56 8.68
N LYS A 151 7.81 9.67 7.79
CA LYS A 151 8.08 9.45 6.37
C LYS A 151 9.01 10.51 5.80
N LEU A 152 8.89 11.75 6.28
CA LEU A 152 9.81 12.81 5.86
C LEU A 152 11.23 12.51 6.33
N ALA A 153 11.37 12.10 7.59
CA ALA A 153 12.70 11.83 8.15
C ALA A 153 13.39 10.70 7.40
N ARG A 154 12.66 9.61 7.14
CA ARG A 154 13.25 8.47 6.44
C ARG A 154 13.63 8.85 5.02
N LYS A 155 12.70 9.47 4.28
CA LYS A 155 13.01 9.89 2.92
C LYS A 155 14.15 10.88 2.88
N TRP A 156 14.24 11.75 3.89
CA TRP A 156 15.38 12.66 3.97
C TRP A 156 16.65 11.89 4.35
N GLY A 157 16.52 10.86 5.17
CA GLY A 157 17.68 10.09 5.57
C GLY A 157 18.32 9.31 4.43
N TYR A 158 17.51 8.85 3.48
CA TYR A 158 18.02 8.08 2.35
C TYR A 158 18.44 8.97 1.19
N THR A 159 17.67 10.02 0.89
CA THR A 159 17.90 10.81 -0.30
C THR A 159 18.84 12.00 -0.08
N VAL A 160 19.02 12.44 1.17
CA VAL A 160 19.86 13.59 1.49
C VAL A 160 21.05 13.20 2.36
N LYS A 161 20.79 12.49 3.45
CA LYS A 161 21.89 12.11 4.35
C LYS A 161 22.74 10.98 3.78
N GLY A 162 22.14 10.09 3.00
CA GLY A 162 22.89 9.02 2.38
C GLY A 162 22.85 7.69 3.11
N ILE A 163 21.82 7.47 3.93
CA ILE A 163 21.69 6.19 4.62
C ILE A 163 21.24 5.13 3.62
N GLN A 164 21.86 3.95 3.69
CA GLN A 164 21.44 2.84 2.84
C GLN A 164 19.99 2.49 3.14
N LYS A 165 19.24 2.18 2.08
CA LYS A 165 17.78 2.16 2.17
C LYS A 165 17.29 1.14 3.19
N TYR A 166 16.51 1.64 4.15
CA TYR A 166 15.77 0.89 5.15
C TYR A 166 16.68 0.44 6.29
N LYS A 167 17.75 1.20 6.52
CA LYS A 167 18.54 1.14 7.73
C LYS A 167 18.36 2.38 8.60
N ALA A 168 17.47 3.30 8.21
CA ALA A 168 17.30 4.53 8.95
C ALA A 168 16.56 4.30 10.25
N LYS A 169 16.99 4.98 11.30
CA LYS A 169 16.40 4.85 12.62
C LYS A 169 15.82 6.18 13.06
N ILE A 170 14.76 6.12 13.85
CA ILE A 170 14.15 7.28 14.49
C ILE A 170 14.12 7.02 15.99
N VAL A 171 14.60 7.99 16.77
CA VAL A 171 14.73 7.86 18.22
C VAL A 171 13.54 8.54 18.89
N PHE A 172 12.98 7.89 19.89
CA PHE A 172 11.87 8.43 20.66
C PHE A 172 12.24 8.43 22.14
N ALA A 173 11.50 9.23 22.90
CA ALA A 173 11.69 9.34 24.35
C ALA A 173 10.65 8.49 25.06
N ALA A 174 11.10 7.73 26.06
CA ALA A 174 10.18 6.89 26.82
C ALA A 174 9.07 7.73 27.46
N GLY A 175 7.89 7.14 27.55
CA GLY A 175 6.72 7.88 28.00
C GLY A 175 6.07 8.72 26.94
N ASN A 176 6.48 8.61 25.69
CA ASN A 176 5.92 9.42 24.62
C ASN A 176 4.53 8.93 24.25
N PHE A 177 3.73 9.84 23.70
CA PHE A 177 2.44 9.49 23.12
C PHE A 177 2.23 10.35 21.89
N TRP A 178 1.91 9.69 20.75
CA TRP A 178 1.57 10.46 19.56
C TRP A 178 0.55 9.73 18.68
N GLY A 179 -0.36 8.96 19.27
CA GLY A 179 -1.43 8.33 18.53
C GLY A 179 -1.48 6.85 18.77
N ARG A 180 -2.43 6.20 18.09
CA ARG A 180 -2.70 4.77 18.28
C ARG A 180 -2.55 3.97 16.99
N THR A 181 -1.85 4.50 15.98
CA THR A 181 -1.52 3.67 14.83
C THR A 181 -0.49 2.61 15.24
N LEU A 182 -0.29 1.64 14.35
CA LEU A 182 0.70 0.61 14.61
C LEU A 182 2.09 1.22 14.77
N SER A 183 2.44 2.19 13.92
CA SER A 183 3.72 2.88 14.05
C SER A 183 3.80 3.62 15.37
N ALA A 184 2.70 4.25 15.79
CA ALA A 184 2.72 5.08 17.00
C ALA A 184 2.95 4.22 18.25
N ILE A 185 2.18 3.15 18.41
CA ILE A 185 2.35 2.27 19.56
C ILE A 185 3.68 1.53 19.50
N SER A 186 4.29 1.44 18.31
CA SER A 186 5.58 0.77 18.17
C SER A 186 6.71 1.53 18.85
N SER A 187 6.48 2.78 19.25
CA SER A 187 7.48 3.57 19.97
C SER A 187 7.08 3.85 21.41
N SER A 188 6.01 3.22 21.89
CA SER A 188 5.49 3.48 23.22
C SER A 188 6.12 2.56 24.26
N THR A 189 6.31 3.10 25.46
CA THR A 189 6.72 2.32 26.61
C THR A 189 5.56 2.06 27.56
N ASP A 190 4.33 2.26 27.09
CA ASP A 190 3.14 1.97 27.87
C ASP A 190 2.56 0.63 27.40
N PRO A 191 2.56 -0.40 28.24
CA PRO A 191 2.09 -1.72 27.77
C PRO A 191 0.64 -1.72 27.31
N THR A 192 -0.22 -0.90 27.92
CA THR A 192 -1.64 -0.90 27.54
C THR A 192 -1.84 -0.46 26.09
N SER A 193 -0.85 0.19 25.49
CA SER A 193 -0.98 0.64 24.11
C SER A 193 -0.42 -0.34 23.09
N TYR A 194 0.62 -1.10 23.44
CA TYR A 194 1.24 -2.01 22.49
C TYR A 194 0.97 -3.49 22.76
N ASP A 195 0.50 -3.84 23.96
CA ASP A 195 0.24 -5.24 24.27
C ASP A 195 -0.80 -5.83 23.33
N GLY A 196 -0.48 -7.01 22.78
CA GLY A 196 -1.42 -7.73 21.96
C GLY A 196 -1.71 -7.16 20.59
N PHE A 197 -0.90 -6.22 20.12
CA PHE A 197 -1.14 -5.58 18.84
C PHE A 197 -0.07 -5.93 17.81
N GLY A 198 0.38 -7.18 17.83
CA GLY A 198 1.13 -7.76 16.75
C GLY A 198 2.58 -7.29 16.66
N PRO A 199 3.26 -7.71 15.59
CA PRO A 199 4.65 -7.26 15.39
C PRO A 199 4.72 -5.76 15.24
N PHE A 200 5.85 -5.19 15.63
CA PHE A 200 6.00 -3.75 15.77
C PHE A 200 6.91 -3.20 14.68
N MET A 201 6.86 -1.88 14.52
CA MET A 201 7.56 -1.21 13.44
C MET A 201 9.06 -1.21 13.69
N PRO A 202 9.87 -1.75 12.79
CA PRO A 202 11.32 -1.70 12.99
C PRO A 202 11.88 -0.30 12.78
N GLY A 203 13.09 -0.10 13.29
CA GLY A 203 13.76 1.18 13.13
C GLY A 203 13.39 2.23 14.14
N PHE A 204 12.78 1.84 15.27
CA PHE A 204 12.36 2.76 16.31
C PHE A 204 13.15 2.46 17.58
N ASP A 205 14.04 3.38 17.95
CA ASP A 205 14.80 3.27 19.19
C ASP A 205 14.22 4.21 20.23
N ILE A 206 14.23 3.74 21.49
CA ILE A 206 13.65 4.49 22.60
C ILE A 206 14.76 4.80 23.59
N ILE A 207 14.81 6.06 24.03
CA ILE A 207 15.76 6.51 25.04
C ILE A 207 14.99 7.18 26.16
N PRO A 208 15.57 7.26 27.36
CA PRO A 208 14.87 7.92 28.46
C PRO A 208 14.64 9.40 28.18
N TYR A 209 13.47 9.89 28.58
CA TYR A 209 13.16 11.31 28.50
C TYR A 209 14.08 12.11 29.40
N ASN A 210 14.26 13.39 29.06
CA ASN A 210 15.04 14.32 29.87
C ASN A 210 16.46 13.79 30.13
N ASP A 211 17.05 13.19 29.09
CA ASP A 211 18.36 12.54 29.20
C ASP A 211 19.18 12.92 27.96
N LEU A 212 19.97 13.98 28.10
CA LEU A 212 20.86 14.42 27.03
C LEU A 212 22.02 13.45 26.82
N PRO A 213 22.64 12.90 27.88
CA PRO A 213 23.67 11.87 27.64
C PRO A 213 23.16 10.67 26.84
N ALA A 214 21.97 10.16 27.18
CA ALA A 214 21.41 9.05 26.41
C ALA A 214 21.15 9.45 24.96
N LEU A 215 20.79 10.71 24.73
CA LEU A 215 20.51 11.15 23.37
C LEU A 215 21.77 11.13 22.51
N GLU A 216 22.88 11.64 23.03
CA GLU A 216 24.11 11.64 22.25
C GLU A 216 24.61 10.23 22.03
N ARG A 217 24.47 9.35 23.03
CA ARG A 217 24.81 7.94 22.84
C ARG A 217 24.02 7.35 21.69
N ALA A 218 22.71 7.62 21.64
CA ALA A 218 21.88 7.09 20.56
C ALA A 218 22.25 7.69 19.22
N LEU A 219 22.67 8.96 19.20
CA LEU A 219 22.99 9.63 17.94
C LEU A 219 24.37 9.28 17.40
N GLN A 220 25.15 8.47 18.12
CA GLN A 220 26.42 8.00 17.56
C GLN A 220 26.21 7.11 16.35
N ASP A 221 25.05 6.48 16.23
CA ASP A 221 24.73 5.68 15.06
C ASP A 221 24.44 6.60 13.89
N PRO A 222 25.23 6.57 12.82
CA PRO A 222 24.98 7.48 11.68
C PRO A 222 23.73 7.13 10.89
N ASN A 223 23.10 5.99 11.13
CA ASN A 223 21.87 5.64 10.44
C ASN A 223 20.64 6.27 11.09
N VAL A 224 20.80 6.97 12.21
CA VAL A 224 19.67 7.67 12.82
C VAL A 224 19.34 8.90 11.98
N ALA A 225 18.06 9.04 11.63
CA ALA A 225 17.61 10.14 10.79
C ALA A 225 16.92 11.25 11.57
N ALA A 226 16.29 10.95 12.71
CA ALA A 226 15.52 11.95 13.40
C ALA A 226 15.32 11.56 14.86
N PHE A 227 14.97 12.56 15.66
CA PHE A 227 14.59 12.39 17.07
C PHE A 227 13.29 13.13 17.28
N MET A 228 12.21 12.40 17.57
CA MET A 228 10.91 12.99 17.83
C MET A 228 10.69 13.05 19.34
N VAL A 229 10.34 14.23 19.84
CA VAL A 229 10.18 14.43 21.28
C VAL A 229 9.10 15.47 21.51
N GLU A 230 8.40 15.32 22.64
CA GLU A 230 7.44 16.33 23.10
C GLU A 230 8.16 17.31 24.00
N PRO A 231 8.02 18.63 23.79
CA PRO A 231 8.64 19.59 24.70
C PRO A 231 8.16 19.45 26.13
N ILE A 232 6.90 19.04 26.31
CA ILE A 232 6.36 18.63 27.60
C ILE A 232 5.46 17.42 27.35
N GLN A 233 5.74 16.31 28.02
CA GLN A 233 5.04 15.06 27.76
C GLN A 233 3.65 15.14 28.40
N GLY A 234 2.62 15.20 27.56
CA GLY A 234 1.26 15.36 28.04
C GLY A 234 0.64 14.12 28.66
N GLU A 235 0.42 13.08 27.84
CA GLU A 235 -0.24 11.88 28.34
C GLU A 235 0.58 11.16 29.42
N ALA A 236 1.90 11.39 29.46
CA ALA A 236 2.72 10.79 30.50
C ALA A 236 2.44 11.37 31.87
N GLY A 237 1.74 12.51 31.94
CA GLY A 237 1.39 13.12 33.21
C GLY A 237 1.96 14.51 33.38
N VAL A 238 2.04 15.26 32.28
CA VAL A 238 2.64 16.59 32.25
C VAL A 238 4.05 16.51 32.82
N VAL A 239 4.94 15.85 32.09
CA VAL A 239 6.32 15.67 32.52
C VAL A 239 7.14 16.78 31.86
N VAL A 240 7.47 17.80 32.64
CA VAL A 240 8.24 18.94 32.17
C VAL A 240 9.73 18.61 32.28
N PRO A 241 10.49 18.70 31.20
CA PRO A 241 11.93 18.41 31.29
C PRO A 241 12.70 19.56 31.93
N ASP A 242 13.93 19.25 32.31
CA ASP A 242 14.78 20.23 32.98
C ASP A 242 15.11 21.37 32.02
N PRO A 243 15.36 22.58 32.55
CA PRO A 243 15.77 23.70 31.69
C PRO A 243 17.04 23.35 30.94
N GLY A 244 17.09 23.77 29.67
CA GLY A 244 18.23 23.49 28.82
C GLY A 244 18.15 22.18 28.07
N TYR A 245 17.21 21.29 28.43
CA TYR A 245 17.07 20.03 27.71
C TYR A 245 16.71 20.26 26.25
N LEU A 246 15.92 21.30 25.96
CA LEU A 246 15.51 21.55 24.59
C LEU A 246 16.66 22.04 23.73
N MET A 247 17.38 23.05 24.20
CA MET A 247 18.51 23.55 23.42
C MET A 247 19.64 22.54 23.34
N GLY A 248 19.74 21.65 24.35
CA GLY A 248 20.67 20.54 24.24
C GLY A 248 20.26 19.56 23.15
N VAL A 249 18.97 19.20 23.11
CA VAL A 249 18.46 18.35 22.05
C VAL A 249 18.69 19.00 20.69
N ARG A 250 18.43 20.31 20.59
CA ARG A 250 18.67 21.03 19.35
C ARG A 250 20.15 20.97 18.96
N GLU A 251 21.04 21.14 19.94
CA GLU A 251 22.47 21.11 19.64
C GLU A 251 22.94 19.72 19.22
N LEU A 252 22.48 18.68 19.93
CA LEU A 252 22.92 17.33 19.62
C LEU A 252 22.42 16.88 18.25
N CYS A 253 21.18 17.24 17.90
CA CYS A 253 20.64 16.87 16.60
C CYS A 253 21.40 17.55 15.47
N THR A 254 21.71 18.84 15.63
CA THR A 254 22.44 19.56 14.59
C THR A 254 23.86 19.03 14.43
N ARG A 255 24.48 18.61 15.54
CA ARG A 255 25.86 18.12 15.47
C ARG A 255 25.96 16.83 14.67
N HIS A 256 25.03 15.90 14.87
CA HIS A 256 25.08 14.59 14.26
C HIS A 256 24.27 14.49 12.97
N GLN A 257 23.87 15.63 12.41
CA GLN A 257 23.04 15.68 11.19
C GLN A 257 21.79 14.82 11.38
N VAL A 258 20.99 15.23 12.36
CA VAL A 258 19.79 14.49 12.76
C VAL A 258 18.63 15.48 12.86
N LEU A 259 17.47 15.08 12.35
CA LEU A 259 16.30 15.95 12.34
C LEU A 259 15.68 16.02 13.73
N PHE A 260 15.47 17.24 14.21
CA PHE A 260 14.76 17.48 15.47
C PHE A 260 13.28 17.66 15.13
N ILE A 261 12.45 16.72 15.57
CA ILE A 261 11.01 16.78 15.38
C ILE A 261 10.38 17.07 16.74
N ALA A 262 9.73 18.22 16.86
CA ALA A 262 9.04 18.61 18.08
C ALA A 262 7.55 18.34 17.91
N ASP A 263 7.00 17.49 18.78
CA ASP A 263 5.57 17.17 18.77
C ASP A 263 4.87 18.21 19.65
N GLU A 264 4.40 19.29 19.02
CA GLU A 264 3.66 20.34 19.71
C GLU A 264 2.16 20.23 19.46
N ILE A 265 1.66 19.01 19.19
CA ILE A 265 0.24 18.82 18.95
C ILE A 265 -0.57 19.17 20.19
N GLN A 266 -0.01 18.95 21.37
CA GLN A 266 -0.66 19.31 22.63
C GLN A 266 -0.04 20.52 23.30
N THR A 267 1.26 20.74 23.15
CA THR A 267 1.94 21.83 23.84
C THR A 267 1.91 23.13 23.06
N GLY A 268 1.70 23.09 21.75
CA GLY A 268 1.72 24.29 20.95
C GLY A 268 0.44 25.09 21.03
N LEU A 269 0.42 26.18 20.27
CA LEU A 269 -0.76 27.04 20.12
C LEU A 269 -1.23 27.58 21.48
N ALA A 270 -0.32 28.24 22.18
CA ALA A 270 -0.54 29.07 23.37
C ALA A 270 -0.84 28.29 24.65
N ARG A 271 -0.90 26.96 24.62
CA ARG A 271 -1.31 26.23 25.82
C ARG A 271 -0.32 26.39 26.96
N THR A 272 0.97 26.47 26.66
CA THR A 272 2.00 26.58 27.68
C THR A 272 2.45 28.01 27.94
N GLY A 273 1.87 28.99 27.26
CA GLY A 273 2.25 30.38 27.42
C GLY A 273 3.00 30.97 26.24
N ARG A 274 3.34 30.18 25.24
CA ARG A 274 4.00 30.64 24.03
C ARG A 274 3.30 30.02 22.83
N TRP A 275 3.65 30.52 21.63
CA TRP A 275 3.17 29.90 20.41
C TRP A 275 3.54 28.42 20.36
N LEU A 276 4.80 28.12 20.68
CA LEU A 276 5.29 26.75 20.82
C LEU A 276 6.03 26.64 22.13
N ALA A 277 5.90 25.48 22.79
CA ALA A 277 6.60 25.27 24.04
C ALA A 277 8.12 25.42 23.88
N VAL A 278 8.64 25.09 22.70
CA VAL A 278 10.07 25.22 22.45
C VAL A 278 10.53 26.68 22.45
N ASP A 279 9.59 27.63 22.33
CA ASP A 279 9.96 29.04 22.35
C ASP A 279 10.53 29.47 23.69
N TYR A 280 10.25 28.72 24.76
CA TYR A 280 10.81 29.03 26.07
C TYR A 280 12.33 28.91 26.08
N GLU A 281 12.91 28.14 25.16
CA GLU A 281 14.36 28.01 25.05
C GLU A 281 14.86 28.44 23.68
N ASN A 282 14.08 29.25 22.95
CA ASN A 282 14.45 29.81 21.65
C ASN A 282 14.78 28.74 20.62
N VAL A 283 14.29 27.52 20.81
CA VAL A 283 14.70 26.40 19.98
C VAL A 283 13.84 26.35 18.72
N ARG A 284 14.50 26.27 17.56
CA ARG A 284 13.81 26.08 16.30
C ARG A 284 14.00 24.63 15.86
N PRO A 285 12.98 23.78 15.96
CA PRO A 285 13.12 22.40 15.50
C PRO A 285 13.10 22.30 13.99
N ASP A 286 13.61 21.17 13.48
CA ASP A 286 13.61 20.94 12.04
C ASP A 286 12.21 20.69 11.52
N ILE A 287 11.40 19.94 12.27
CA ILE A 287 10.02 19.65 11.92
C ILE A 287 9.15 19.90 13.14
N VAL A 288 8.11 20.72 12.97
CA VAL A 288 7.14 20.98 14.02
C VAL A 288 5.84 20.29 13.66
N LEU A 289 5.25 19.58 14.62
CA LEU A 289 3.94 18.96 14.46
C LEU A 289 2.92 19.80 15.21
N LEU A 290 1.90 20.26 14.49
CA LEU A 290 0.78 20.97 15.10
C LEU A 290 -0.50 20.19 14.88
N GLY A 291 -1.46 20.42 15.77
CA GLY A 291 -2.75 19.78 15.64
C GLY A 291 -3.66 20.13 16.79
N LYS A 292 -4.95 19.83 16.58
CA LYS A 292 -5.94 19.70 17.64
C LYS A 292 -6.47 21.05 18.19
N ALA A 293 -5.61 22.00 18.55
CA ALA A 293 -6.09 23.36 18.83
C ALA A 293 -6.10 24.15 17.53
N LEU A 294 -5.50 23.55 16.51
CA LEU A 294 -5.38 24.15 15.19
C LEU A 294 -6.74 24.45 14.56
N SER A 295 -7.83 23.90 15.11
CA SER A 295 -9.17 24.13 14.58
C SER A 295 -10.15 24.53 15.67
N GLY A 296 -9.69 24.79 16.89
CA GLY A 296 -10.60 25.11 17.97
C GLY A 296 -11.56 24.00 18.32
N GLY A 297 -11.25 22.76 17.94
CA GLY A 297 -12.14 21.64 18.21
C GLY A 297 -13.29 21.50 17.24
N LEU A 298 -13.30 22.25 16.14
CA LEU A 298 -14.39 22.20 15.19
C LEU A 298 -14.14 21.25 14.03
N TYR A 299 -12.91 20.82 13.82
CA TYR A 299 -12.55 20.03 12.64
C TYR A 299 -11.23 19.34 12.89
N PRO A 300 -11.03 18.11 12.42
CA PRO A 300 -9.71 17.48 12.55
C PRO A 300 -8.71 18.07 11.57
N VAL A 301 -7.83 18.95 12.07
CA VAL A 301 -6.82 19.60 11.25
C VAL A 301 -5.47 19.46 11.95
N SER A 302 -4.46 19.00 11.20
CA SER A 302 -3.11 18.91 11.71
C SER A 302 -2.14 19.41 10.65
N ALA A 303 -0.94 19.77 11.09
CA ALA A 303 0.05 20.39 10.20
C ALA A 303 1.43 19.86 10.47
N VAL A 304 2.23 19.75 9.41
CA VAL A 304 3.64 19.39 9.49
C VAL A 304 4.44 20.51 8.83
N LEU A 305 5.25 21.20 9.63
CA LEU A 305 5.99 22.37 9.18
C LEU A 305 7.48 22.06 9.12
N CYS A 306 8.11 22.38 8.00
CA CYS A 306 9.57 22.25 7.85
C CYS A 306 9.99 23.00 6.60
N ASP A 307 11.30 23.15 6.43
CA ASP A 307 11.86 23.91 5.34
C ASP A 307 11.92 23.07 4.06
N ASP A 308 12.47 23.68 3.00
CA ASP A 308 12.44 23.05 1.67
C ASP A 308 13.31 21.81 1.62
N ASP A 309 14.53 21.88 2.19
CA ASP A 309 15.46 20.77 2.07
C ASP A 309 14.92 19.50 2.71
N ILE A 310 14.00 19.63 3.68
CA ILE A 310 13.37 18.47 4.28
C ILE A 310 12.05 18.14 3.59
N MET A 311 11.24 19.16 3.28
CA MET A 311 9.89 18.90 2.79
C MET A 311 9.91 18.35 1.36
N LEU A 312 10.81 18.84 0.52
CA LEU A 312 10.79 18.47 -0.89
C LEU A 312 11.44 17.12 -1.16
N THR A 313 11.80 16.36 -0.13
CA THR A 313 12.21 14.98 -0.35
C THR A 313 11.04 14.10 -0.76
N ILE A 314 9.81 14.51 -0.44
CA ILE A 314 8.61 13.81 -0.88
C ILE A 314 8.15 14.45 -2.19
N LYS A 315 8.01 13.63 -3.23
CA LYS A 315 7.66 14.07 -4.58
C LYS A 315 6.18 13.85 -4.84
N PRO A 316 5.63 14.46 -5.90
CA PRO A 316 4.18 14.34 -6.14
C PRO A 316 3.74 12.89 -6.28
N GLY A 317 2.67 12.55 -5.56
CA GLY A 317 2.13 11.21 -5.56
C GLY A 317 2.71 10.28 -4.52
N GLU A 318 3.67 10.73 -3.72
CA GLU A 318 4.37 9.87 -2.78
C GLU A 318 3.81 9.96 -1.36
N HIS A 319 2.85 10.85 -1.11
CA HIS A 319 2.23 10.97 0.21
C HIS A 319 0.99 11.86 0.08
N GLY A 320 0.00 11.59 0.91
CA GLY A 320 -1.19 12.42 0.92
C GLY A 320 -2.25 11.88 1.83
N SER A 321 -3.48 12.35 1.62
CA SER A 321 -4.64 11.99 2.43
C SER A 321 -5.88 12.59 1.76
N THR A 322 -7.01 11.90 1.89
CA THR A 322 -8.23 12.36 1.23
C THR A 322 -8.65 13.74 1.73
N TYR A 323 -8.78 13.89 3.05
CA TYR A 323 -9.28 15.12 3.64
C TYR A 323 -8.17 16.12 3.98
N GLY A 324 -6.91 15.76 3.76
CA GLY A 324 -5.81 16.63 4.13
C GLY A 324 -5.79 17.88 3.27
N GLY A 325 -6.02 19.04 3.87
CA GLY A 325 -5.97 20.30 3.14
C GLY A 325 -7.28 20.72 2.49
N ASN A 326 -8.40 20.16 2.92
CA ASN A 326 -9.68 20.54 2.35
C ASN A 326 -10.02 21.98 2.74
N PRO A 327 -10.81 22.68 1.91
CA PRO A 327 -11.04 24.11 2.18
C PRO A 327 -11.79 24.38 3.48
N LEU A 328 -12.75 23.53 3.84
CA LEU A 328 -13.53 23.75 5.05
C LEU A 328 -12.63 23.74 6.29
N GLY A 329 -11.72 22.77 6.37
CA GLY A 329 -10.79 22.73 7.49
C GLY A 329 -9.77 23.84 7.47
N CYS A 330 -9.42 24.32 6.27
CA CYS A 330 -8.45 25.41 6.17
C CYS A 330 -9.06 26.72 6.68
N ARG A 331 -10.35 26.93 6.45
CA ARG A 331 -11.00 28.15 6.91
C ARG A 331 -11.07 28.18 8.44
N VAL A 332 -11.48 27.07 9.05
CA VAL A 332 -11.54 27.02 10.51
C VAL A 332 -10.16 27.05 11.13
N ALA A 333 -9.13 26.65 10.39
CA ALA A 333 -7.77 26.72 10.92
C ALA A 333 -7.27 28.16 10.93
N ILE A 334 -7.55 28.91 9.86
CA ILE A 334 -7.16 30.32 9.82
C ILE A 334 -7.84 31.09 10.93
N ALA A 335 -9.13 30.85 11.14
CA ALA A 335 -9.86 31.53 12.21
C ALA A 335 -9.35 31.08 13.58
N ALA A 336 -9.04 29.80 13.73
CA ALA A 336 -8.54 29.30 15.01
C ALA A 336 -7.21 29.94 15.37
N LEU A 337 -6.30 30.07 14.40
CA LEU A 337 -5.03 30.73 14.66
C LEU A 337 -5.22 32.21 14.92
N GLU A 338 -6.14 32.85 14.19
CA GLU A 338 -6.38 34.27 14.38
C GLU A 338 -6.91 34.54 15.79
N VAL A 339 -7.77 33.68 16.30
CA VAL A 339 -8.29 33.85 17.66
C VAL A 339 -7.16 33.81 18.67
N LEU A 340 -6.23 32.87 18.52
CA LEU A 340 -5.11 32.76 19.45
C LEU A 340 -4.24 34.01 19.41
N GLU A 341 -4.09 34.62 18.24
CA GLU A 341 -3.19 35.77 18.10
C GLU A 341 -3.82 37.04 18.66
N GLU A 342 -4.98 37.43 18.13
CA GLU A 342 -5.57 38.72 18.46
C GLU A 342 -6.22 38.77 19.84
N GLU A 343 -6.37 37.63 20.50
CA GLU A 343 -6.88 37.61 21.87
C GLU A 343 -5.78 37.43 22.91
N ASN A 344 -4.53 37.28 22.47
CA ASN A 344 -3.36 37.23 23.36
C ASN A 344 -3.50 36.10 24.38
N LEU A 345 -3.88 34.91 23.89
CA LEU A 345 -4.14 33.79 24.79
C LEU A 345 -2.85 33.19 25.34
N ALA A 346 -1.71 33.39 24.67
CA ALA A 346 -0.45 32.88 25.22
C ALA A 346 -0.05 33.63 26.47
N GLU A 347 -0.14 34.97 26.43
CA GLU A 347 0.15 35.76 27.62
C GLU A 347 -0.84 35.44 28.73
N ASN A 348 -2.12 35.25 28.39
CA ASN A 348 -3.12 34.89 29.39
C ASN A 348 -2.82 33.54 30.02
N ALA A 349 -2.43 32.55 29.19
CA ALA A 349 -2.07 31.25 29.73
C ALA A 349 -0.83 31.33 30.61
N ASP A 350 0.10 32.24 30.29
CA ASP A 350 1.30 32.39 31.10
C ASP A 350 0.97 32.95 32.48
N LYS A 351 0.21 34.06 32.52
CA LYS A 351 -0.09 34.71 33.79
C LYS A 351 -0.93 33.81 34.69
N LEU A 352 -2.05 33.31 34.17
CA LEU A 352 -2.96 32.51 35.00
C LEU A 352 -2.33 31.18 35.41
N GLY A 353 -1.47 30.62 34.56
CA GLY A 353 -0.77 29.39 34.94
C GLY A 353 0.09 29.57 36.17
N ILE A 354 0.68 30.75 36.35
CA ILE A 354 1.47 31.03 37.54
C ILE A 354 0.57 31.05 38.78
N ILE A 355 -0.59 31.70 38.68
CA ILE A 355 -1.53 31.74 39.78
C ILE A 355 -2.02 30.34 40.13
N LEU A 356 -2.33 29.55 39.10
CA LEU A 356 -2.87 28.21 39.33
C LEU A 356 -1.86 27.32 40.05
N ARG A 357 -0.60 27.32 39.58
CA ARG A 357 0.42 26.51 40.24
C ARG A 357 0.73 27.02 41.64
N ASN A 358 0.66 28.34 41.85
CA ASN A 358 0.88 28.89 43.19
C ASN A 358 -0.16 28.37 44.16
N GLU A 359 -1.45 28.50 43.81
CA GLU A 359 -2.52 28.05 44.70
C GLU A 359 -2.47 26.55 44.91
N LEU A 360 -2.11 25.79 43.87
CA LEU A 360 -2.06 24.35 43.99
C LEU A 360 -0.93 23.88 44.90
N MET A 361 0.16 24.66 44.96
CA MET A 361 1.25 24.31 45.86
C MET A 361 0.94 24.60 47.33
N LYS A 362 -0.16 25.29 47.61
CA LYS A 362 -0.61 25.51 48.98
C LYS A 362 -1.33 24.32 49.57
N LEU A 363 -1.52 23.25 48.81
CA LEU A 363 -2.14 22.05 49.33
C LEU A 363 -1.13 21.26 50.17
N PRO A 364 -1.60 20.59 51.23
CA PRO A 364 -0.66 19.89 52.12
C PRO A 364 0.11 18.79 51.39
N SER A 365 1.29 18.49 51.92
CA SER A 365 2.20 17.58 51.23
C SER A 365 1.77 16.12 51.33
N ASP A 366 0.93 15.78 52.30
CA ASP A 366 0.46 14.41 52.48
C ASP A 366 -0.77 14.08 51.64
N VAL A 367 -1.16 14.98 50.74
CA VAL A 367 -2.33 14.76 49.90
C VAL A 367 -1.95 15.02 48.44
N VAL A 368 -1.11 16.04 48.22
CA VAL A 368 -0.61 16.39 46.90
C VAL A 368 0.90 16.44 47.01
N THR A 369 1.58 15.53 46.32
CA THR A 369 3.02 15.37 46.46
C THR A 369 3.82 16.11 45.39
N ALA A 370 3.18 16.60 44.34
CA ALA A 370 3.91 17.30 43.28
C ALA A 370 2.94 18.15 42.48
N VAL A 371 3.41 19.34 42.07
CA VAL A 371 2.67 20.23 41.19
C VAL A 371 3.63 20.68 40.10
N ARG A 372 3.25 20.47 38.84
CA ARG A 372 4.13 20.79 37.73
C ARG A 372 3.31 21.31 36.56
N GLY A 373 4.00 21.94 35.61
CA GLY A 373 3.33 22.47 34.43
C GLY A 373 3.85 23.80 33.94
N LYS A 374 3.55 24.13 32.68
CA LYS A 374 3.90 25.41 32.09
C LYS A 374 2.64 26.01 31.47
N GLY A 375 2.42 27.31 31.73
CA GLY A 375 1.19 27.92 31.28
C GLY A 375 -0.02 27.24 31.91
N LEU A 376 -1.04 27.00 31.10
CA LEU A 376 -2.26 26.34 31.56
C LEU A 376 -2.26 24.85 31.23
N LEU A 377 -1.10 24.23 31.16
CA LEU A 377 -0.95 22.77 31.05
C LEU A 377 -0.26 22.31 32.33
N ASN A 378 -1.05 21.90 33.32
CA ASN A 378 -0.54 21.59 34.64
C ASN A 378 -1.10 20.26 35.11
N ALA A 379 -0.50 19.74 36.18
CA ALA A 379 -0.96 18.50 36.78
C ALA A 379 -0.53 18.45 38.23
N ILE A 380 -1.31 17.74 39.05
CA ILE A 380 -0.96 17.47 40.44
C ILE A 380 -0.81 15.96 40.60
N VAL A 381 0.06 15.57 41.53
CA VAL A 381 0.28 14.17 41.85
C VAL A 381 -0.36 13.88 43.20
N ILE A 382 -1.24 12.90 43.22
CA ILE A 382 -2.03 12.56 44.42
C ILE A 382 -1.27 11.52 45.21
N LYS A 383 -1.17 11.73 46.53
CA LYS A 383 -0.62 10.71 47.43
C LYS A 383 -1.62 9.58 47.48
N GLU A 384 -1.54 8.70 46.48
CA GLU A 384 -2.52 7.64 46.32
C GLU A 384 -2.33 6.57 47.39
N THR A 385 -3.44 6.15 47.99
CA THR A 385 -3.48 5.00 48.89
C THR A 385 -4.36 3.93 48.26
N LYS A 386 -4.56 2.83 48.99
CA LYS A 386 -5.61 1.90 48.60
C LYS A 386 -6.98 2.51 48.85
N ASP A 387 -7.09 3.37 49.87
CA ASP A 387 -8.36 4.00 50.19
C ASP A 387 -8.84 4.90 49.05
N TRP A 388 -8.05 5.90 48.68
CA TRP A 388 -8.46 6.91 47.73
C TRP A 388 -7.44 7.02 46.60
N ASP A 389 -7.87 7.62 45.49
CA ASP A 389 -7.02 7.74 44.31
C ASP A 389 -7.50 8.94 43.48
N ALA A 390 -6.90 9.11 42.30
CA ALA A 390 -7.21 10.26 41.46
C ALA A 390 -8.59 10.15 40.82
N TRP A 391 -9.04 8.94 40.50
CA TRP A 391 -10.35 8.77 39.89
C TRP A 391 -11.46 9.24 40.82
N LYS A 392 -11.36 8.90 42.11
CA LYS A 392 -12.35 9.35 43.07
C LYS A 392 -12.28 10.86 43.27
N VAL A 393 -11.09 11.45 43.16
CA VAL A 393 -10.98 12.91 43.22
C VAL A 393 -11.70 13.54 42.04
N CYS A 394 -11.55 12.96 40.85
CA CYS A 394 -12.20 13.51 39.67
C CYS A 394 -13.70 13.29 39.71
N LEU A 395 -14.15 12.18 40.30
CA LEU A 395 -15.59 11.96 40.49
C LEU A 395 -16.19 13.06 41.35
N ARG A 396 -15.54 13.37 42.47
CA ARG A 396 -16.07 14.39 43.37
C ARG A 396 -15.88 15.80 42.81
N LEU A 397 -14.81 16.02 42.03
CA LEU A 397 -14.69 17.29 41.31
C LEU A 397 -15.85 17.48 40.34
N ARG A 398 -16.24 16.40 39.65
CA ARG A 398 -17.42 16.44 38.81
C ARG A 398 -18.66 16.78 39.62
N ASP A 399 -18.76 16.23 40.84
CA ASP A 399 -19.89 16.52 41.70
C ASP A 399 -19.94 18.00 42.08
N ASN A 400 -18.78 18.64 42.17
CA ASN A 400 -18.69 20.05 42.54
C ASN A 400 -18.59 20.97 41.33
N GLY A 401 -18.86 20.47 40.14
CA GLY A 401 -18.95 21.32 38.96
C GLY A 401 -17.65 21.59 38.23
N LEU A 402 -16.69 20.68 38.30
CA LEU A 402 -15.43 20.84 37.58
C LEU A 402 -15.03 19.50 36.96
N LEU A 403 -14.78 19.50 35.66
CA LEU A 403 -14.47 18.28 34.92
C LEU A 403 -12.96 18.19 34.68
N ALA A 404 -12.38 17.08 35.11
CA ALA A 404 -10.99 16.74 34.83
C ALA A 404 -10.85 15.24 34.89
N LYS A 405 -9.81 14.72 34.23
CA LYS A 405 -9.65 13.28 34.15
C LYS A 405 -8.26 12.88 34.65
N PRO A 406 -8.15 11.78 35.40
CA PRO A 406 -6.84 11.31 35.81
C PRO A 406 -6.09 10.62 34.68
N THR A 407 -4.76 10.66 34.77
CA THR A 407 -3.92 10.05 33.74
C THR A 407 -3.22 8.78 34.19
N HIS A 408 -3.14 8.51 35.50
CA HIS A 408 -2.47 7.28 35.93
C HIS A 408 -2.88 6.83 37.33
N GLY A 409 -4.05 7.22 37.84
CA GLY A 409 -4.45 6.85 39.17
C GLY A 409 -3.84 7.68 40.28
N ASP A 410 -2.79 8.45 39.99
CA ASP A 410 -2.20 9.38 40.95
C ASP A 410 -1.92 10.75 40.36
N ILE A 411 -2.24 10.98 39.09
CA ILE A 411 -2.00 12.26 38.43
C ILE A 411 -3.33 12.78 37.90
N ILE A 412 -3.61 14.06 38.16
CA ILE A 412 -4.80 14.74 37.65
C ILE A 412 -4.34 15.98 36.89
N ARG A 413 -4.85 16.15 35.67
CA ARG A 413 -4.46 17.26 34.82
C ARG A 413 -5.47 18.39 34.95
N PHE A 414 -4.96 19.61 35.16
CA PHE A 414 -5.78 20.82 35.22
C PHE A 414 -5.39 21.70 34.05
N ALA A 415 -6.22 21.71 33.00
CA ALA A 415 -5.93 22.47 31.78
C ALA A 415 -7.22 23.07 31.25
N PRO A 416 -7.60 24.25 31.73
CA PRO A 416 -8.82 24.90 31.24
C PRO A 416 -8.55 25.65 29.96
N PRO A 417 -9.61 26.00 29.21
CA PRO A 417 -9.40 26.79 27.99
C PRO A 417 -8.73 28.11 28.29
N LEU A 418 -7.88 28.55 27.35
CA LEU A 418 -7.07 29.75 27.53
C LEU A 418 -7.89 31.04 27.48
N VAL A 419 -9.20 30.95 27.24
CA VAL A 419 -10.07 32.11 27.31
C VAL A 419 -10.62 32.33 28.72
N ILE A 420 -10.16 31.55 29.71
CA ILE A 420 -10.62 31.71 31.07
C ILE A 420 -10.10 33.03 31.64
N LYS A 421 -10.85 33.59 32.59
CA LYS A 421 -10.47 34.81 33.26
C LYS A 421 -10.07 34.52 34.71
N GLU A 422 -9.43 35.51 35.33
CA GLU A 422 -8.82 35.27 36.64
C GLU A 422 -9.86 34.93 37.70
N ASP A 423 -10.98 35.65 37.72
CA ASP A 423 -12.02 35.36 38.71
C ASP A 423 -12.63 34.00 38.46
N GLU A 424 -12.87 33.65 37.19
CA GLU A 424 -13.37 32.32 36.87
C GLU A 424 -12.35 31.25 37.27
N LEU A 425 -11.06 31.54 37.07
CA LEU A 425 -10.02 30.60 37.48
C LEU A 425 -10.00 30.44 39.00
N ARG A 426 -10.20 31.53 39.73
CA ARG A 426 -10.13 31.46 41.19
C ARG A 426 -11.35 30.76 41.77
N GLU A 427 -12.52 30.89 41.13
CA GLU A 427 -13.67 30.09 41.53
C GLU A 427 -13.37 28.60 41.36
N SER A 428 -12.70 28.24 40.27
CA SER A 428 -12.32 26.84 40.05
C SER A 428 -11.28 26.39 41.07
N ILE A 429 -10.31 27.25 41.38
CA ILE A 429 -9.30 26.93 42.39
C ILE A 429 -9.97 26.65 43.73
N GLU A 430 -10.99 27.42 44.07
CA GLU A 430 -11.75 27.14 45.28
C GLU A 430 -12.41 25.77 45.20
N ILE A 431 -12.95 25.42 44.03
CA ILE A 431 -13.56 24.11 43.85
C ILE A 431 -12.50 23.02 43.95
N ILE A 432 -11.30 23.27 43.42
CA ILE A 432 -10.22 22.30 43.54
C ILE A 432 -9.77 22.18 44.99
N ASN A 433 -9.78 23.29 45.73
CA ASN A 433 -9.38 23.24 47.14
C ASN A 433 -10.39 22.45 47.97
N LYS A 434 -11.68 22.81 47.88
CA LYS A 434 -12.67 22.23 48.78
C LYS A 434 -12.89 20.75 48.52
N THR A 435 -12.75 20.30 47.27
CA THR A 435 -12.89 18.87 46.98
C THR A 435 -11.73 18.08 47.57
N ILE A 436 -10.51 18.57 47.37
CA ILE A 436 -9.33 17.86 47.83
C ILE A 436 -9.34 17.73 49.35
N LEU A 437 -9.62 18.82 50.06
CA LEU A 437 -9.67 18.81 51.51
C LEU A 437 -10.94 18.15 52.06
N SER A 438 -11.90 17.80 51.20
CA SER A 438 -13.08 17.09 51.65
C SER A 438 -12.85 15.60 51.84
N PHE A 439 -11.69 15.09 51.41
CA PHE A 439 -11.37 13.68 51.58
C PHE A 439 -10.75 13.42 52.95
N PRO B 37 -8.25 39.92 -6.29
CA PRO B 37 -8.74 38.55 -6.40
C PRO B 37 -7.73 37.63 -7.11
N PRO B 38 -7.38 36.51 -6.47
CA PRO B 38 -6.34 35.64 -7.03
C PRO B 38 -6.86 34.87 -8.23
N THR B 39 -6.06 34.85 -9.30
CA THR B 39 -6.39 34.07 -10.48
C THR B 39 -6.00 32.62 -10.28
N SER B 40 -6.27 31.78 -11.29
CA SER B 40 -5.91 30.37 -11.21
C SER B 40 -4.41 30.20 -11.09
N ASP B 41 -3.66 30.88 -11.96
CA ASP B 41 -2.20 30.79 -11.91
C ASP B 41 -1.64 31.34 -10.60
N ASP B 42 -2.31 32.34 -10.03
CA ASP B 42 -1.89 32.86 -8.73
C ASP B 42 -2.09 31.81 -7.64
N ILE B 43 -3.18 31.03 -7.73
CA ILE B 43 -3.43 30.00 -6.72
C ILE B 43 -2.42 28.88 -6.83
N PHE B 44 -2.08 28.47 -8.06
CA PHE B 44 -1.10 27.41 -8.25
C PHE B 44 0.26 27.82 -7.70
N GLU B 45 0.70 29.04 -8.01
CA GLU B 45 2.02 29.49 -7.60
C GLU B 45 2.13 29.64 -6.09
N ARG B 46 1.04 30.03 -5.42
CA ARG B 46 1.07 30.16 -3.97
C ARG B 46 1.28 28.81 -3.29
N GLU B 47 0.49 27.81 -3.70
CA GLU B 47 0.65 26.48 -3.12
C GLU B 47 2.03 25.89 -3.42
N TYR B 48 2.55 26.16 -4.62
CA TYR B 48 3.89 25.70 -4.96
C TYR B 48 4.94 26.29 -4.04
N LYS B 49 4.72 27.52 -3.57
CA LYS B 49 5.71 28.19 -2.73
C LYS B 49 5.58 27.80 -1.27
N TYR B 50 4.36 27.65 -0.77
CA TYR B 50 4.12 27.47 0.66
C TYR B 50 3.59 26.10 1.02
N GLY B 51 3.28 25.24 0.05
CA GLY B 51 2.74 23.93 0.32
C GLY B 51 3.70 22.84 -0.16
N ALA B 52 3.70 21.72 0.55
CA ALA B 52 4.50 20.58 0.16
C ALA B 52 4.10 20.09 -1.22
N HIS B 53 5.09 19.59 -1.96
CA HIS B 53 4.87 19.12 -3.33
C HIS B 53 4.50 17.64 -3.38
N ASN B 54 3.74 17.15 -2.40
CA ASN B 54 3.34 15.75 -2.39
C ASN B 54 2.21 15.45 -3.36
N TYR B 55 1.73 16.44 -4.10
CA TYR B 55 0.67 16.26 -5.09
C TYR B 55 1.04 17.00 -6.37
N HIS B 56 0.56 16.46 -7.50
CA HIS B 56 0.60 17.15 -8.79
C HIS B 56 -0.82 17.17 -9.33
N PRO B 57 -1.63 18.11 -8.87
CA PRO B 57 -3.05 18.11 -9.24
C PRO B 57 -3.27 18.57 -10.67
N LEU B 58 -4.45 18.25 -11.18
CA LEU B 58 -4.87 18.77 -12.46
C LEU B 58 -5.03 20.29 -12.35
N PRO B 59 -4.40 21.08 -13.24
CA PRO B 59 -4.45 22.54 -13.08
C PRO B 59 -5.85 23.12 -13.25
N VAL B 60 -6.59 23.18 -12.14
CA VAL B 60 -7.88 23.86 -12.08
C VAL B 60 -8.15 24.24 -10.63
N ALA B 61 -8.51 25.50 -10.39
CA ALA B 61 -8.61 26.06 -9.04
C ALA B 61 -10.08 26.30 -8.71
N LEU B 62 -10.70 25.32 -8.05
CA LEU B 62 -12.09 25.41 -7.69
C LEU B 62 -12.30 26.30 -6.47
N GLU B 63 -13.45 26.98 -6.45
CA GLU B 63 -13.84 27.79 -5.30
C GLU B 63 -15.25 27.50 -4.80
N ARG B 64 -16.10 26.87 -5.61
CA ARG B 64 -17.49 26.60 -5.23
C ARG B 64 -17.91 25.24 -5.77
N GLY B 65 -18.81 24.61 -5.05
CA GLY B 65 -19.34 23.32 -5.46
C GLY B 65 -20.75 23.07 -4.97
N LYS B 66 -21.56 22.47 -5.82
CA LYS B 66 -22.94 22.14 -5.47
C LYS B 66 -23.38 20.96 -6.33
N GLY B 67 -23.94 19.94 -5.67
CA GLY B 67 -24.38 18.74 -6.37
C GLY B 67 -23.27 18.10 -7.17
N ILE B 68 -23.44 18.06 -8.50
CA ILE B 68 -22.47 17.44 -9.38
C ILE B 68 -21.51 18.44 -10.01
N TYR B 69 -21.65 19.73 -9.70
CA TYR B 69 -20.91 20.77 -10.41
C TYR B 69 -19.87 21.41 -9.52
N LEU B 70 -18.80 21.88 -10.16
CA LEU B 70 -17.74 22.66 -9.52
C LEU B 70 -17.49 23.91 -10.36
N TRP B 71 -17.07 24.97 -9.69
CA TRP B 71 -16.81 26.26 -10.33
C TRP B 71 -15.42 26.74 -9.94
N ASP B 72 -14.59 27.03 -10.94
CA ASP B 72 -13.27 27.56 -10.65
C ASP B 72 -13.36 29.07 -10.38
N VAL B 73 -12.20 29.67 -10.08
CA VAL B 73 -12.19 31.07 -9.65
C VAL B 73 -12.50 32.03 -10.79
N GLU B 74 -12.42 31.58 -12.03
CA GLU B 74 -12.79 32.41 -13.18
C GLU B 74 -14.25 32.26 -13.55
N GLY B 75 -15.02 31.44 -12.83
CA GLY B 75 -16.43 31.28 -13.09
C GLY B 75 -16.80 30.12 -14.00
N ARG B 76 -15.81 29.41 -14.55
CA ARG B 76 -16.12 28.26 -15.39
C ARG B 76 -16.78 27.15 -14.58
N LYS B 77 -17.62 26.38 -15.25
CA LYS B 77 -18.44 25.35 -14.62
C LYS B 77 -18.03 23.99 -15.16
N TYR B 78 -17.90 23.01 -14.26
CA TYR B 78 -17.38 21.70 -14.61
C TYR B 78 -18.26 20.60 -14.05
N PHE B 79 -18.35 19.50 -14.81
CA PHE B 79 -18.86 18.25 -14.26
C PHE B 79 -17.79 17.62 -13.39
N ASP B 80 -18.13 17.32 -12.14
CA ASP B 80 -17.21 16.64 -11.22
C ASP B 80 -17.35 15.14 -11.45
N PHE B 81 -16.39 14.55 -12.15
CA PHE B 81 -16.39 13.12 -12.40
C PHE B 81 -15.29 12.40 -11.63
N LEU B 82 -14.91 12.96 -10.48
CA LEU B 82 -14.05 12.29 -9.53
C LEU B 82 -14.68 12.13 -8.16
N SER B 83 -15.54 13.08 -7.76
CA SER B 83 -16.30 13.01 -6.52
C SER B 83 -15.40 12.93 -5.29
N SER B 84 -14.20 13.51 -5.39
CA SER B 84 -13.21 13.46 -4.33
C SER B 84 -12.97 12.02 -3.86
N TYR B 85 -12.77 11.14 -4.84
CA TYR B 85 -12.55 9.71 -4.59
C TYR B 85 -13.75 9.09 -3.86
N SER B 86 -14.95 9.46 -4.30
CA SER B 86 -16.23 8.98 -3.76
C SER B 86 -16.53 9.52 -2.37
N ALA B 87 -15.92 10.63 -1.98
CA ALA B 87 -16.22 11.24 -0.68
C ALA B 87 -17.44 12.14 -0.73
N VAL B 88 -17.85 12.61 -1.92
CA VAL B 88 -19.07 13.41 -2.04
C VAL B 88 -20.07 12.66 -2.90
N ASN B 89 -20.37 11.41 -2.52
CA ASN B 89 -21.40 10.64 -3.20
C ASN B 89 -22.74 11.38 -3.19
N GLN B 90 -23.03 12.09 -2.10
CA GLN B 90 -24.27 12.84 -1.97
C GLN B 90 -24.24 14.17 -2.71
N GLY B 91 -23.14 14.51 -3.37
CA GLY B 91 -22.99 15.79 -4.02
C GLY B 91 -22.35 16.83 -3.11
N HIS B 92 -21.76 17.84 -3.74
CA HIS B 92 -21.10 18.90 -2.98
C HIS B 92 -22.11 19.72 -2.19
N CYS B 93 -21.84 19.88 -0.90
CA CYS B 93 -22.65 20.71 0.00
C CYS B 93 -24.13 20.35 -0.08
N HIS B 94 -24.43 19.07 0.15
CA HIS B 94 -25.81 18.65 0.21
C HIS B 94 -26.51 19.36 1.37
N PRO B 95 -27.66 19.99 1.14
CA PRO B 95 -28.25 20.85 2.19
C PRO B 95 -28.56 20.11 3.48
N LYS B 96 -29.02 18.86 3.41
CA LYS B 96 -29.36 18.15 4.63
C LYS B 96 -28.13 17.89 5.49
N ILE B 97 -26.99 17.61 4.86
CA ILE B 97 -25.76 17.43 5.61
C ILE B 97 -25.22 18.77 6.11
N VAL B 98 -25.38 19.82 5.30
CA VAL B 98 -24.95 21.15 5.71
C VAL B 98 -25.74 21.60 6.93
N ASN B 99 -27.03 21.31 6.96
CA ASN B 99 -27.88 21.78 8.05
C ASN B 99 -27.62 21.02 9.34
N ALA B 100 -27.23 19.74 9.24
CA ALA B 100 -26.87 19.00 10.45
C ALA B 100 -25.60 19.57 11.08
N LEU B 101 -24.62 19.94 10.25
CA LEU B 101 -23.40 20.55 10.76
C LEU B 101 -23.69 21.91 11.39
N LYS B 102 -24.44 22.75 10.69
CA LYS B 102 -24.73 24.10 11.18
C LYS B 102 -25.50 24.06 12.50
N SER B 103 -26.40 23.10 12.64
CA SER B 103 -27.20 23.02 13.87
C SER B 103 -26.37 22.56 15.04
N GLN B 104 -25.48 21.58 14.83
CA GLN B 104 -24.70 21.01 15.92
C GLN B 104 -23.53 21.90 16.33
N VAL B 105 -22.92 22.62 15.37
CA VAL B 105 -21.75 23.43 15.67
C VAL B 105 -22.05 24.52 16.68
N ASP B 106 -23.31 24.94 16.79
CA ASP B 106 -23.68 25.92 17.80
C ASP B 106 -23.76 25.33 19.21
N LYS B 107 -23.93 24.02 19.33
CA LYS B 107 -24.13 23.39 20.62
C LYS B 107 -22.83 22.85 21.20
N LEU B 108 -22.18 21.94 20.49
CA LEU B 108 -21.02 21.23 21.02
C LEU B 108 -20.30 20.54 19.86
N THR B 109 -18.99 20.71 19.79
CA THR B 109 -18.19 20.13 18.71
C THR B 109 -17.20 19.07 19.18
N LEU B 110 -16.63 19.21 20.37
CA LEU B 110 -15.59 18.27 20.81
C LEU B 110 -15.49 18.29 22.33
N THR B 111 -15.72 17.14 22.95
CA THR B 111 -15.45 16.94 24.38
C THR B 111 -14.25 16.05 24.63
N SER B 112 -13.75 15.37 23.60
CA SER B 112 -12.81 14.25 23.72
C SER B 112 -13.51 13.06 24.37
N ARG B 113 -12.89 11.90 24.30
CA ARG B 113 -13.50 10.68 24.81
C ARG B 113 -13.26 10.47 26.30
N ALA B 114 -12.59 11.41 26.97
CA ALA B 114 -12.50 11.34 28.43
C ALA B 114 -13.86 11.53 29.08
N PHE B 115 -14.82 12.10 28.38
CA PHE B 115 -16.19 12.24 28.84
C PHE B 115 -17.14 11.68 27.78
N TYR B 116 -18.42 11.69 28.08
CA TYR B 116 -19.45 11.30 27.13
C TYR B 116 -20.04 12.52 26.46
N ASN B 117 -20.30 12.42 25.16
CA ASN B 117 -21.19 13.34 24.47
C ASN B 117 -22.47 12.61 24.10
N ASN B 118 -23.54 13.37 23.91
CA ASN B 118 -24.87 12.78 23.81
C ASN B 118 -25.20 12.27 22.41
N VAL B 119 -24.36 12.53 21.42
CA VAL B 119 -24.71 12.25 20.03
C VAL B 119 -24.11 10.94 19.57
N LEU B 120 -22.98 10.55 20.17
CA LEU B 120 -22.24 9.37 19.69
C LEU B 120 -23.10 8.11 19.75
N GLY B 121 -23.77 7.89 20.89
CA GLY B 121 -24.61 6.70 21.02
C GLY B 121 -25.77 6.68 20.06
N GLU B 122 -26.32 7.85 19.73
CA GLU B 122 -27.35 7.94 18.70
C GLU B 122 -26.83 7.48 17.36
N TYR B 123 -25.64 7.98 16.97
CA TYR B 123 -25.03 7.58 15.71
C TYR B 123 -24.64 6.11 15.74
N GLU B 124 -24.15 5.62 16.88
CA GLU B 124 -23.74 4.22 16.97
C GLU B 124 -24.93 3.28 16.80
N GLU B 125 -26.01 3.53 17.53
CA GLU B 125 -27.21 2.70 17.40
C GLU B 125 -27.73 2.72 15.97
N TYR B 126 -27.66 3.88 15.30
CA TYR B 126 -28.19 4.00 13.95
C TYR B 126 -27.37 3.19 12.97
N ILE B 127 -26.05 3.35 13.00
CA ILE B 127 -25.20 2.73 11.97
C ILE B 127 -25.04 1.23 12.19
N THR B 128 -25.05 0.77 13.45
CA THR B 128 -24.92 -0.67 13.69
C THR B 128 -26.19 -1.41 13.30
N LYS B 129 -27.35 -0.78 13.52
CA LYS B 129 -28.60 -1.38 13.06
C LYS B 129 -28.73 -1.31 11.54
N LEU B 130 -28.17 -0.26 10.93
CA LEU B 130 -28.28 -0.09 9.49
C LEU B 130 -27.54 -1.19 8.75
N PHE B 131 -26.28 -1.43 9.13
CA PHE B 131 -25.45 -2.45 8.49
C PHE B 131 -25.51 -3.80 9.20
N ASN B 132 -26.27 -3.90 10.28
CA ASN B 132 -26.52 -5.16 11.00
C ASN B 132 -25.21 -5.75 11.54
N TYR B 133 -24.57 -4.98 12.41
CA TYR B 133 -23.46 -5.46 13.22
C TYR B 133 -23.71 -5.04 14.66
N HIS B 134 -23.03 -5.73 15.59
CA HIS B 134 -23.24 -5.44 17.00
C HIS B 134 -22.77 -4.04 17.35
N LYS B 135 -21.54 -3.69 17.00
CA LYS B 135 -20.93 -2.46 17.48
C LYS B 135 -20.17 -1.77 16.36
N VAL B 136 -19.73 -0.55 16.65
CA VAL B 136 -18.92 0.24 15.75
C VAL B 136 -17.83 0.92 16.57
N LEU B 137 -16.65 1.08 15.97
CA LEU B 137 -15.58 1.86 16.57
C LEU B 137 -15.34 3.09 15.70
N PRO B 138 -15.57 4.29 16.22
CA PRO B 138 -15.47 5.48 15.37
C PRO B 138 -14.06 6.02 15.26
N MET B 139 -13.62 6.34 14.05
CA MET B 139 -12.36 7.04 13.83
C MET B 139 -12.67 8.24 12.92
N ASN B 140 -11.63 8.82 12.35
CA ASN B 140 -11.76 10.02 11.53
C ASN B 140 -11.49 9.76 10.06
N THR B 141 -10.26 9.37 9.72
CA THR B 141 -9.88 9.16 8.32
C THR B 141 -9.95 7.68 7.96
N GLY B 142 -9.85 7.41 6.66
CA GLY B 142 -9.96 6.04 6.18
C GLY B 142 -8.80 5.16 6.64
N VAL B 143 -7.59 5.70 6.63
CA VAL B 143 -6.44 4.91 7.07
C VAL B 143 -6.53 4.60 8.56
N GLU B 144 -7.18 5.48 9.34
CA GLU B 144 -7.35 5.22 10.76
C GLU B 144 -8.30 4.04 10.99
N ALA B 145 -9.31 3.90 10.14
CA ALA B 145 -10.18 2.73 10.22
C ALA B 145 -9.42 1.46 9.82
N GLY B 146 -8.55 1.57 8.81
CA GLY B 146 -7.75 0.41 8.44
C GLY B 146 -6.74 0.03 9.51
N GLU B 147 -6.14 1.02 10.16
CA GLU B 147 -5.25 0.73 11.29
C GLU B 147 -6.01 0.06 12.41
N THR B 148 -7.23 0.52 12.69
CA THR B 148 -8.06 -0.11 13.71
C THR B 148 -8.41 -1.54 13.32
N ALA B 149 -8.68 -1.79 12.04
CA ALA B 149 -8.98 -3.14 11.58
C ALA B 149 -7.79 -4.07 11.78
N CYS B 150 -6.59 -3.60 11.45
CA CYS B 150 -5.40 -4.42 11.66
C CYS B 150 -5.16 -4.68 13.14
N LYS B 151 -5.44 -3.68 13.99
CA LYS B 151 -5.25 -3.87 15.42
C LYS B 151 -6.29 -4.82 15.99
N LEU B 152 -7.53 -4.74 15.50
CA LEU B 152 -8.57 -5.68 15.94
C LEU B 152 -8.22 -7.10 15.53
N ALA B 153 -7.73 -7.28 14.30
CA ALA B 153 -7.41 -8.62 13.81
C ALA B 153 -6.27 -9.25 14.60
N ARG B 154 -5.24 -8.46 14.92
CA ARG B 154 -4.13 -8.97 15.70
C ARG B 154 -4.56 -9.30 17.13
N LYS B 155 -5.26 -8.37 17.78
CA LYS B 155 -5.71 -8.60 19.15
C LYS B 155 -6.64 -9.80 19.24
N TRP B 156 -7.53 -9.95 18.26
CA TRP B 156 -8.39 -11.12 18.21
C TRP B 156 -7.57 -12.37 17.92
N GLY B 157 -6.56 -12.26 17.06
CA GLY B 157 -5.73 -13.41 16.73
C GLY B 157 -4.99 -13.97 17.93
N TYR B 158 -4.59 -13.11 18.86
CA TYR B 158 -3.84 -13.54 20.03
C TYR B 158 -4.77 -13.95 21.18
N THR B 159 -5.78 -13.13 21.48
CA THR B 159 -6.60 -13.33 22.66
C THR B 159 -7.78 -14.27 22.43
N VAL B 160 -8.17 -14.50 21.19
CA VAL B 160 -9.29 -15.40 20.87
C VAL B 160 -8.81 -16.62 20.09
N LYS B 161 -8.16 -16.40 18.95
CA LYS B 161 -7.68 -17.54 18.16
C LYS B 161 -6.49 -18.22 18.82
N GLY B 162 -5.71 -17.47 19.60
CA GLY B 162 -4.61 -18.04 20.35
C GLY B 162 -3.27 -18.05 19.63
N ILE B 163 -3.11 -17.26 18.57
CA ILE B 163 -1.85 -17.22 17.85
C ILE B 163 -0.73 -16.78 18.78
N GLN B 164 0.45 -17.38 18.61
CA GLN B 164 1.59 -17.01 19.43
C GLN B 164 1.92 -15.54 19.23
N LYS B 165 2.17 -14.83 20.33
CA LYS B 165 2.17 -13.38 20.30
C LYS B 165 3.23 -12.85 19.35
N TYR B 166 2.75 -12.10 18.35
CA TYR B 166 3.53 -11.23 17.45
C TYR B 166 4.04 -12.03 16.27
N LYS B 167 3.41 -13.19 16.04
CA LYS B 167 3.56 -13.93 14.80
C LYS B 167 2.33 -13.85 13.91
N ALA B 168 1.30 -13.11 14.32
CA ALA B 168 0.06 -13.05 13.55
C ALA B 168 0.30 -12.38 12.20
N LYS B 169 -0.30 -12.94 11.16
CA LYS B 169 -0.19 -12.44 9.80
C LYS B 169 -1.52 -11.85 9.35
N ILE B 170 -1.43 -10.83 8.50
CA ILE B 170 -2.58 -10.29 7.79
C ILE B 170 -2.26 -10.32 6.30
N VAL B 171 -3.15 -10.92 5.52
CA VAL B 171 -2.93 -11.08 4.08
C VAL B 171 -3.60 -9.93 3.35
N PHE B 172 -2.89 -9.39 2.35
CA PHE B 172 -3.41 -8.32 1.51
C PHE B 172 -3.30 -8.74 0.05
N ALA B 173 -4.07 -8.07 -0.79
CA ALA B 173 -4.04 -8.30 -2.23
C ALA B 173 -3.11 -7.30 -2.89
N ALA B 174 -2.42 -7.76 -3.94
CA ALA B 174 -1.58 -6.87 -4.72
C ALA B 174 -2.43 -5.76 -5.33
N GLY B 175 -1.86 -4.55 -5.38
CA GLY B 175 -2.60 -3.39 -5.84
C GLY B 175 -3.52 -2.77 -4.81
N ASN B 176 -3.49 -3.24 -3.57
CA ASN B 176 -4.36 -2.69 -2.54
C ASN B 176 -3.93 -1.28 -2.17
N PHE B 177 -4.90 -0.50 -1.70
CA PHE B 177 -4.63 0.83 -1.17
C PHE B 177 -5.57 1.06 0.01
N TRP B 178 -5.00 1.38 1.17
CA TRP B 178 -5.84 1.74 2.31
C TRP B 178 -5.26 2.87 3.14
N GLY B 179 -4.40 3.72 2.55
CA GLY B 179 -3.87 4.86 3.28
C GLY B 179 -2.39 5.08 3.04
N ARG B 180 -1.82 6.11 3.68
CA ARG B 180 -0.42 6.48 3.49
C ARG B 180 0.38 6.42 4.79
N THR B 181 -0.14 5.78 5.82
CA THR B 181 0.68 5.54 7.01
C THR B 181 1.80 4.55 6.69
N LEU B 182 2.75 4.45 7.60
CA LEU B 182 3.85 3.50 7.41
C LEU B 182 3.31 2.07 7.31
N SER B 183 2.29 1.74 8.09
CA SER B 183 1.70 0.41 8.03
C SER B 183 0.95 0.21 6.72
N ALA B 184 0.24 1.23 6.25
CA ALA B 184 -0.56 1.09 5.04
C ALA B 184 0.33 0.86 3.82
N ILE B 185 1.42 1.62 3.70
CA ILE B 185 2.34 1.44 2.58
C ILE B 185 3.21 0.20 2.72
N SER B 186 3.22 -0.42 3.91
CA SER B 186 4.01 -1.63 4.09
C SER B 186 3.43 -2.81 3.33
N SER B 187 2.11 -2.85 3.16
CA SER B 187 1.46 -3.90 2.38
C SER B 187 1.24 -3.49 0.93
N SER B 188 1.76 -2.34 0.52
CA SER B 188 1.54 -1.84 -0.82
C SER B 188 2.51 -2.48 -1.81
N THR B 189 2.00 -2.77 -3.01
CA THR B 189 2.82 -3.21 -4.12
C THR B 189 3.16 -2.07 -5.07
N ASP B 190 2.72 -0.84 -4.77
CA ASP B 190 2.99 0.31 -5.61
C ASP B 190 4.30 0.95 -5.16
N PRO B 191 5.36 0.94 -5.98
CA PRO B 191 6.64 1.52 -5.54
C PRO B 191 6.54 2.95 -5.08
N THR B 192 5.70 3.77 -5.73
CA THR B 192 5.59 5.17 -5.36
C THR B 192 5.11 5.33 -3.91
N SER B 193 4.34 4.37 -3.40
CA SER B 193 3.79 4.48 -2.06
C SER B 193 4.83 4.19 -0.98
N TYR B 194 5.72 3.23 -1.21
CA TYR B 194 6.62 2.76 -0.15
C TYR B 194 8.09 3.04 -0.39
N ASP B 195 8.50 3.36 -1.62
CA ASP B 195 9.92 3.54 -1.92
C ASP B 195 10.49 4.70 -1.12
N GLY B 196 11.51 4.41 -0.31
CA GLY B 196 12.21 5.43 0.44
C GLY B 196 11.62 5.77 1.79
N PHE B 197 10.61 5.04 2.25
CA PHE B 197 9.91 5.37 3.48
C PHE B 197 10.24 4.41 4.62
N GLY B 198 11.47 3.92 4.66
CA GLY B 198 12.00 3.25 5.82
C GLY B 198 11.68 1.78 5.92
N PRO B 199 12.21 1.12 6.94
CA PRO B 199 11.88 -0.29 7.17
C PRO B 199 10.38 -0.44 7.41
N PHE B 200 9.83 -1.53 6.88
CA PHE B 200 8.39 -1.69 6.79
C PHE B 200 7.85 -2.63 7.86
N MET B 201 6.57 -2.44 8.15
CA MET B 201 5.87 -3.24 9.16
C MET B 201 5.86 -4.70 8.77
N PRO B 202 6.38 -5.60 9.61
CA PRO B 202 6.30 -7.03 9.33
C PRO B 202 4.91 -7.56 9.63
N GLY B 203 4.72 -8.84 9.32
CA GLY B 203 3.44 -9.49 9.55
C GLY B 203 2.41 -9.31 8.47
N PHE B 204 2.80 -8.81 7.30
CA PHE B 204 1.88 -8.57 6.18
C PHE B 204 2.28 -9.46 5.02
N ASP B 205 1.37 -10.32 4.59
CA ASP B 205 1.54 -11.14 3.41
C ASP B 205 0.76 -10.54 2.24
N ILE B 206 1.28 -10.72 1.03
CA ILE B 206 0.69 -10.15 -0.17
C ILE B 206 0.46 -11.27 -1.18
N ILE B 207 -0.77 -11.41 -1.63
CA ILE B 207 -1.13 -12.39 -2.66
C ILE B 207 -1.76 -11.63 -3.80
N PRO B 208 -1.81 -12.22 -5.01
CA PRO B 208 -2.49 -11.55 -6.12
C PRO B 208 -3.97 -11.34 -5.84
N TYR B 209 -4.52 -10.31 -6.48
CA TYR B 209 -5.94 -10.00 -6.37
C TYR B 209 -6.74 -10.87 -7.33
N ASN B 210 -8.01 -11.11 -6.99
CA ASN B 210 -8.91 -11.92 -7.82
C ASN B 210 -8.34 -13.32 -8.04
N ASP B 211 -7.83 -13.93 -6.96
CA ASP B 211 -7.10 -15.19 -7.05
C ASP B 211 -7.45 -16.02 -5.81
N LEU B 212 -8.46 -16.88 -5.94
CA LEU B 212 -8.89 -17.75 -4.85
C LEU B 212 -7.87 -18.84 -4.55
N PRO B 213 -7.28 -19.52 -5.54
CA PRO B 213 -6.23 -20.50 -5.20
C PRO B 213 -5.07 -19.90 -4.42
N ALA B 214 -4.69 -18.66 -4.71
CA ALA B 214 -3.62 -18.02 -3.96
C ALA B 214 -4.03 -17.71 -2.53
N LEU B 215 -5.30 -17.39 -2.31
CA LEU B 215 -5.77 -17.18 -0.94
C LEU B 215 -5.81 -18.49 -0.17
N GLU B 216 -6.28 -19.56 -0.81
CA GLU B 216 -6.28 -20.88 -0.18
C GLU B 216 -4.88 -21.28 0.23
N ARG B 217 -3.90 -21.07 -0.65
CA ARG B 217 -2.51 -21.37 -0.31
C ARG B 217 -2.02 -20.52 0.85
N ALA B 218 -2.37 -19.22 0.84
CA ALA B 218 -1.91 -18.33 1.90
C ALA B 218 -2.55 -18.68 3.25
N LEU B 219 -3.80 -19.15 3.24
CA LEU B 219 -4.51 -19.43 4.47
C LEU B 219 -4.10 -20.76 5.11
N GLN B 220 -3.08 -21.43 4.57
CA GLN B 220 -2.56 -22.62 5.22
C GLN B 220 -1.72 -22.30 6.43
N ASP B 221 -1.20 -21.08 6.53
CA ASP B 221 -0.43 -20.66 7.69
C ASP B 221 -1.38 -20.43 8.87
N PRO B 222 -1.30 -21.21 9.95
CA PRO B 222 -2.25 -21.03 11.05
C PRO B 222 -2.06 -19.72 11.81
N ASN B 223 -1.03 -18.94 11.49
CA ASN B 223 -0.82 -17.63 12.12
C ASN B 223 -1.55 -16.51 11.39
N VAL B 224 -2.22 -16.81 10.28
CA VAL B 224 -2.99 -15.79 9.58
C VAL B 224 -4.23 -15.46 10.40
N ALA B 225 -4.39 -14.18 10.74
CA ALA B 225 -5.53 -13.74 11.51
C ALA B 225 -6.61 -13.05 10.68
N ALA B 226 -6.25 -12.48 9.52
CA ALA B 226 -7.22 -11.77 8.72
C ALA B 226 -6.77 -11.69 7.28
N PHE B 227 -7.75 -11.50 6.39
CA PHE B 227 -7.53 -11.14 4.99
C PHE B 227 -8.31 -9.87 4.73
N MET B 228 -7.59 -8.78 4.46
CA MET B 228 -8.20 -7.49 4.18
C MET B 228 -8.18 -7.23 2.68
N VAL B 229 -9.35 -6.95 2.10
CA VAL B 229 -9.48 -6.86 0.66
C VAL B 229 -10.57 -5.85 0.31
N GLU B 230 -10.37 -5.15 -0.81
CA GLU B 230 -11.36 -4.24 -1.38
C GLU B 230 -12.27 -5.02 -2.32
N PRO B 231 -13.60 -4.89 -2.20
CA PRO B 231 -14.48 -5.56 -3.17
C PRO B 231 -14.24 -5.10 -4.59
N ILE B 232 -13.85 -3.85 -4.79
CA ILE B 232 -13.30 -3.35 -6.04
C ILE B 232 -12.09 -2.50 -5.70
N GLN B 233 -10.99 -2.71 -6.42
CA GLN B 233 -9.75 -1.99 -6.13
C GLN B 233 -9.80 -0.64 -6.84
N GLY B 234 -9.94 0.43 -6.05
CA GLY B 234 -10.10 1.76 -6.60
C GLY B 234 -8.84 2.37 -7.19
N GLU B 235 -7.85 2.66 -6.34
CA GLU B 235 -6.64 3.32 -6.82
C GLU B 235 -5.82 2.43 -7.73
N ALA B 236 -6.08 1.12 -7.76
CA ALA B 236 -5.43 0.24 -8.72
C ALA B 236 -5.97 0.41 -10.13
N GLY B 237 -7.08 1.12 -10.31
CA GLY B 237 -7.64 1.34 -11.62
C GLY B 237 -9.02 0.75 -11.79
N VAL B 238 -9.84 0.82 -10.74
CA VAL B 238 -11.17 0.24 -10.72
C VAL B 238 -11.10 -1.21 -11.21
N VAL B 239 -10.43 -2.05 -10.44
CA VAL B 239 -10.22 -3.45 -10.80
C VAL B 239 -11.34 -4.27 -10.18
N VAL B 240 -12.21 -4.81 -11.03
CA VAL B 240 -13.38 -5.57 -10.59
C VAL B 240 -13.03 -7.05 -10.62
N PRO B 241 -13.17 -7.78 -9.51
CA PRO B 241 -12.89 -9.21 -9.52
C PRO B 241 -14.01 -9.99 -10.19
N ASP B 242 -13.71 -11.24 -10.51
CA ASP B 242 -14.64 -12.09 -11.22
C ASP B 242 -15.83 -12.43 -10.32
N PRO B 243 -16.99 -12.69 -10.90
CA PRO B 243 -18.16 -13.10 -10.10
C PRO B 243 -17.86 -14.39 -9.34
N GLY B 244 -18.17 -14.37 -8.04
CA GLY B 244 -17.87 -15.48 -7.16
C GLY B 244 -16.65 -15.29 -6.29
N TYR B 245 -15.81 -14.29 -6.59
CA TYR B 245 -14.61 -14.06 -5.80
C TYR B 245 -14.96 -13.76 -4.34
N LEU B 246 -15.98 -12.94 -4.11
CA LEU B 246 -16.31 -12.54 -2.75
C LEU B 246 -16.90 -13.71 -1.95
N MET B 247 -17.71 -14.56 -2.59
CA MET B 247 -18.16 -15.77 -1.93
C MET B 247 -16.99 -16.69 -1.60
N GLY B 248 -16.02 -16.78 -2.50
CA GLY B 248 -14.86 -17.62 -2.24
C GLY B 248 -14.04 -17.12 -1.06
N VAL B 249 -13.85 -15.81 -0.96
CA VAL B 249 -13.13 -15.23 0.17
C VAL B 249 -13.87 -15.52 1.46
N ARG B 250 -15.18 -15.30 1.47
CA ARG B 250 -15.96 -15.55 2.67
C ARG B 250 -15.91 -17.01 3.09
N GLU B 251 -15.98 -17.93 2.11
CA GLU B 251 -15.94 -19.35 2.44
C GLU B 251 -14.56 -19.75 2.94
N LEU B 252 -13.51 -19.34 2.24
CA LEU B 252 -12.15 -19.68 2.65
C LEU B 252 -11.83 -19.11 4.03
N CYS B 253 -12.19 -17.85 4.27
CA CYS B 253 -11.93 -17.25 5.57
C CYS B 253 -12.67 -17.97 6.68
N THR B 254 -13.92 -18.39 6.42
CA THR B 254 -14.67 -19.12 7.42
C THR B 254 -14.06 -20.49 7.68
N ARG B 255 -13.62 -21.19 6.63
CA ARG B 255 -13.11 -22.54 6.78
C ARG B 255 -11.83 -22.58 7.60
N HIS B 256 -10.99 -21.55 7.49
CA HIS B 256 -9.71 -21.51 8.20
C HIS B 256 -9.77 -20.64 9.45
N GLN B 257 -10.96 -20.21 9.87
CA GLN B 257 -11.16 -19.33 11.03
C GLN B 257 -10.27 -18.09 10.92
N VAL B 258 -10.52 -17.31 9.87
CA VAL B 258 -9.76 -16.12 9.54
C VAL B 258 -10.73 -14.97 9.31
N LEU B 259 -10.39 -13.78 9.80
CA LEU B 259 -11.27 -12.64 9.69
C LEU B 259 -11.31 -12.12 8.25
N PHE B 260 -12.52 -11.96 7.72
CA PHE B 260 -12.75 -11.33 6.42
C PHE B 260 -12.94 -9.84 6.66
N ILE B 261 -11.94 -9.05 6.31
CA ILE B 261 -12.00 -7.60 6.43
C ILE B 261 -12.27 -7.01 5.06
N ALA B 262 -13.41 -6.32 4.92
CA ALA B 262 -13.79 -5.66 3.67
C ALA B 262 -13.54 -4.17 3.81
N ASP B 263 -12.70 -3.63 2.95
CA ASP B 263 -12.43 -2.20 2.90
C ASP B 263 -13.43 -1.57 1.94
N GLU B 264 -14.51 -1.01 2.48
CA GLU B 264 -15.54 -0.34 1.70
C GLU B 264 -15.47 1.17 1.83
N ILE B 265 -14.28 1.71 2.13
CA ILE B 265 -14.13 3.15 2.30
C ILE B 265 -14.43 3.88 1.00
N GLN B 266 -14.12 3.26 -0.14
CA GLN B 266 -14.45 3.82 -1.45
C GLN B 266 -15.63 3.14 -2.11
N THR B 267 -15.71 1.81 -2.01
CA THR B 267 -16.76 1.06 -2.72
C THR B 267 -18.11 1.13 -2.02
N GLY B 268 -18.14 1.46 -0.72
CA GLY B 268 -19.38 1.44 0.02
C GLY B 268 -20.23 2.67 -0.18
N LEU B 269 -21.38 2.67 0.50
CA LEU B 269 -22.29 3.82 0.55
C LEU B 269 -22.79 4.20 -0.84
N ALA B 270 -23.37 3.21 -1.53
CA ALA B 270 -24.15 3.36 -2.76
C ALA B 270 -23.31 3.66 -4.00
N ARG B 271 -21.99 3.80 -3.87
CA ARG B 271 -21.19 4.19 -5.03
C ARG B 271 -21.21 3.13 -6.11
N THR B 272 -21.12 1.85 -5.73
CA THR B 272 -21.16 0.76 -6.71
C THR B 272 -22.57 0.27 -6.98
N GLY B 273 -23.59 0.86 -6.37
CA GLY B 273 -24.97 0.45 -6.58
C GLY B 273 -25.59 -0.28 -5.42
N ARG B 274 -24.85 -0.50 -4.32
CA ARG B 274 -25.37 -1.16 -3.14
C ARG B 274 -24.88 -0.41 -1.90
N TRP B 275 -25.53 -0.68 -0.78
CA TRP B 275 -25.05 -0.14 0.49
C TRP B 275 -23.60 -0.56 0.74
N LEU B 276 -23.25 -1.78 0.37
CA LEU B 276 -21.89 -2.28 0.40
C LEU B 276 -21.64 -3.05 -0.88
N ALA B 277 -20.44 -2.89 -1.46
CA ALA B 277 -20.13 -3.62 -2.68
C ALA B 277 -20.15 -5.12 -2.48
N VAL B 278 -19.98 -5.60 -1.25
CA VAL B 278 -20.09 -7.03 -0.97
C VAL B 278 -21.52 -7.52 -1.03
N ASP B 279 -22.50 -6.62 -1.11
CA ASP B 279 -23.89 -7.04 -1.27
C ASP B 279 -24.16 -7.64 -2.64
N TYR B 280 -23.29 -7.38 -3.62
CA TYR B 280 -23.47 -7.97 -4.95
C TYR B 280 -23.32 -9.48 -4.94
N GLU B 281 -22.63 -10.03 -3.94
CA GLU B 281 -22.56 -11.47 -3.74
C GLU B 281 -23.17 -11.92 -2.42
N ASN B 282 -23.69 -10.97 -1.62
CA ASN B 282 -24.40 -11.25 -0.37
C ASN B 282 -23.54 -12.06 0.60
N VAL B 283 -22.38 -11.51 0.91
CA VAL B 283 -21.48 -12.09 1.90
C VAL B 283 -21.37 -11.14 3.08
N ARG B 284 -21.24 -11.69 4.28
CA ARG B 284 -21.12 -10.89 5.48
C ARG B 284 -19.68 -10.88 5.95
N PRO B 285 -18.91 -9.82 5.70
CA PRO B 285 -17.55 -9.76 6.21
C PRO B 285 -17.53 -9.67 7.72
N ASP B 286 -16.42 -10.13 8.31
CA ASP B 286 -16.28 -10.04 9.76
C ASP B 286 -16.07 -8.59 10.20
N ILE B 287 -15.29 -7.82 9.44
CA ILE B 287 -15.02 -6.42 9.73
C ILE B 287 -15.27 -5.61 8.47
N VAL B 288 -16.04 -4.54 8.59
CA VAL B 288 -16.36 -3.64 7.48
C VAL B 288 -15.76 -2.28 7.78
N LEU B 289 -15.07 -1.71 6.81
CA LEU B 289 -14.47 -0.39 6.94
C LEU B 289 -15.26 0.60 6.11
N LEU B 290 -15.73 1.67 6.75
CA LEU B 290 -16.43 2.74 6.08
C LEU B 290 -15.70 4.06 6.30
N GLY B 291 -15.92 4.98 5.38
CA GLY B 291 -15.32 6.29 5.45
C GLY B 291 -15.75 7.12 4.25
N LYS B 292 -15.05 8.24 4.03
CA LYS B 292 -15.24 9.09 2.86
C LYS B 292 -16.65 9.67 2.75
N ALA B 293 -17.52 8.96 2.01
CA ALA B 293 -18.89 9.43 1.79
C ALA B 293 -19.72 9.35 3.07
N LEU B 294 -19.12 8.76 4.11
CA LEU B 294 -19.78 8.66 5.41
C LEU B 294 -20.20 10.02 5.97
N SER B 295 -19.60 11.10 5.47
CA SER B 295 -19.94 12.45 5.91
C SER B 295 -20.30 13.37 4.75
N GLY B 296 -20.37 12.86 3.53
CA GLY B 296 -20.67 13.70 2.38
C GLY B 296 -19.60 14.72 2.06
N GLY B 297 -18.40 14.56 2.59
CA GLY B 297 -17.31 15.49 2.36
C GLY B 297 -17.24 16.65 3.33
N LEU B 298 -18.08 16.67 4.36
CA LEU B 298 -18.15 17.81 5.27
C LEU B 298 -17.31 17.62 6.52
N TYR B 299 -16.79 16.41 6.77
CA TYR B 299 -16.07 16.13 8.00
C TYR B 299 -15.35 14.81 7.82
N PRO B 300 -14.12 14.67 8.31
CA PRO B 300 -13.47 13.35 8.25
C PRO B 300 -14.06 12.38 9.25
N VAL B 301 -14.88 11.44 8.78
CA VAL B 301 -15.51 10.43 9.62
C VAL B 301 -15.33 9.07 8.98
N SER B 302 -14.79 8.12 9.74
CA SER B 302 -14.67 6.73 9.33
C SER B 302 -15.26 5.84 10.41
N ALA B 303 -15.49 4.58 10.06
CA ALA B 303 -16.15 3.65 10.98
C ALA B 303 -15.62 2.24 10.76
N VAL B 304 -15.61 1.46 11.84
CA VAL B 304 -15.21 0.05 11.82
C VAL B 304 -16.33 -0.76 12.45
N LEU B 305 -16.87 -1.71 11.72
CA LEU B 305 -18.04 -2.48 12.14
C LEU B 305 -17.68 -3.95 12.28
N CYS B 306 -18.03 -4.54 13.42
CA CYS B 306 -17.89 -5.98 13.65
C CYS B 306 -18.74 -6.35 14.86
N ASP B 307 -18.78 -7.65 15.16
CA ASP B 307 -19.60 -8.15 16.25
C ASP B 307 -18.81 -8.14 17.56
N ASP B 308 -19.49 -8.51 18.65
CA ASP B 308 -18.91 -8.38 19.99
C ASP B 308 -17.66 -9.26 20.15
N ASP B 309 -17.69 -10.46 19.59
CA ASP B 309 -16.57 -11.38 19.79
C ASP B 309 -15.27 -10.86 19.16
N ILE B 310 -15.38 -9.93 18.21
CA ILE B 310 -14.21 -9.27 17.65
C ILE B 310 -13.99 -7.90 18.29
N MET B 311 -15.06 -7.10 18.37
CA MET B 311 -14.95 -5.74 18.89
C MET B 311 -14.40 -5.71 20.30
N LEU B 312 -14.90 -6.59 21.17
CA LEU B 312 -14.60 -6.53 22.60
C LEU B 312 -13.25 -7.12 22.96
N THR B 313 -12.42 -7.51 21.98
CA THR B 313 -11.05 -7.88 22.28
C THR B 313 -10.20 -6.67 22.66
N ILE B 314 -10.67 -5.47 22.33
CA ILE B 314 -10.00 -4.23 22.70
C ILE B 314 -10.66 -3.70 23.98
N LYS B 315 -9.85 -3.58 25.03
CA LYS B 315 -10.33 -3.13 26.33
C LYS B 315 -10.21 -1.62 26.44
N PRO B 316 -10.84 -1.01 27.46
CA PRO B 316 -10.70 0.43 27.65
C PRO B 316 -9.25 0.84 27.81
N GLY B 317 -8.87 1.92 27.14
CA GLY B 317 -7.52 2.44 27.19
C GLY B 317 -6.57 1.90 26.14
N GLU B 318 -6.98 0.90 25.36
CA GLU B 318 -6.08 0.22 24.44
C GLU B 318 -6.17 0.72 23.00
N HIS B 319 -7.13 1.59 22.69
CA HIS B 319 -7.22 2.17 21.35
C HIS B 319 -8.13 3.39 21.41
N GLY B 320 -7.96 4.27 20.42
CA GLY B 320 -8.86 5.41 20.29
C GLY B 320 -8.25 6.49 19.42
N SER B 321 -8.81 7.69 19.57
CA SER B 321 -8.44 8.86 18.78
C SER B 321 -9.08 10.09 19.43
N THR B 322 -8.41 11.23 19.28
CA THR B 322 -8.90 12.46 19.89
C THR B 322 -10.27 12.85 19.33
N TYR B 323 -10.34 13.07 18.01
CA TYR B 323 -11.57 13.52 17.38
C TYR B 323 -12.55 12.38 17.09
N GLY B 324 -12.13 11.13 17.27
CA GLY B 324 -12.99 10.00 16.98
C GLY B 324 -14.26 9.96 17.80
N GLY B 325 -15.40 10.03 17.12
CA GLY B 325 -16.69 10.02 17.79
C GLY B 325 -17.19 11.36 18.29
N ASN B 326 -16.58 12.47 17.84
CA ASN B 326 -17.01 13.77 18.29
C ASN B 326 -18.45 14.04 17.85
N PRO B 327 -19.20 14.84 18.62
CA PRO B 327 -20.62 15.03 18.30
C PRO B 327 -20.87 15.70 16.96
N LEU B 328 -19.97 16.57 16.51
CA LEU B 328 -20.18 17.25 15.23
C LEU B 328 -20.13 16.27 14.07
N GLY B 329 -19.06 15.48 13.98
CA GLY B 329 -18.96 14.51 12.90
C GLY B 329 -20.03 13.45 12.96
N CYS B 330 -20.53 13.15 14.17
CA CYS B 330 -21.60 12.17 14.30
C CYS B 330 -22.90 12.68 13.70
N ARG B 331 -23.21 13.97 13.90
CA ARG B 331 -24.43 14.53 13.35
C ARG B 331 -24.39 14.55 11.83
N VAL B 332 -23.24 14.91 11.23
CA VAL B 332 -23.16 14.91 9.78
C VAL B 332 -23.16 13.49 9.24
N ALA B 333 -22.62 12.54 9.99
CA ALA B 333 -22.61 11.15 9.54
C ALA B 333 -24.01 10.56 9.55
N ILE B 334 -24.80 10.89 10.57
CA ILE B 334 -26.21 10.47 10.58
C ILE B 334 -26.94 11.04 9.37
N ALA B 335 -26.72 12.33 9.09
CA ALA B 335 -27.40 12.98 7.97
C ALA B 335 -26.88 12.47 6.64
N ALA B 336 -25.56 12.21 6.54
CA ALA B 336 -25.01 11.71 5.29
C ALA B 336 -25.53 10.32 4.95
N LEU B 337 -25.81 9.50 5.97
CA LEU B 337 -26.40 8.20 5.71
C LEU B 337 -27.86 8.31 5.32
N GLU B 338 -28.59 9.22 5.97
CA GLU B 338 -30.01 9.38 5.67
C GLU B 338 -30.24 9.87 4.24
N VAL B 339 -29.32 10.68 3.72
CA VAL B 339 -29.46 11.14 2.33
C VAL B 339 -29.34 9.97 1.37
N LEU B 340 -28.39 9.06 1.63
CA LEU B 340 -28.23 7.90 0.75
C LEU B 340 -29.45 6.99 0.79
N GLU B 341 -30.10 6.89 1.96
CA GLU B 341 -31.27 6.02 2.10
C GLU B 341 -32.48 6.62 1.40
N GLU B 342 -32.89 7.82 1.81
CA GLU B 342 -34.17 8.37 1.38
C GLU B 342 -34.15 8.90 -0.05
N GLU B 343 -32.98 9.13 -0.63
CA GLU B 343 -32.89 9.51 -2.03
C GLU B 343 -32.57 8.35 -2.95
N ASN B 344 -32.44 7.14 -2.40
CA ASN B 344 -32.26 5.91 -3.17
C ASN B 344 -31.09 6.02 -4.15
N LEU B 345 -29.96 6.51 -3.63
CA LEU B 345 -28.81 6.76 -4.50
C LEU B 345 -28.19 5.48 -5.01
N ALA B 346 -28.34 4.37 -4.29
CA ALA B 346 -27.78 3.10 -4.74
C ALA B 346 -28.45 2.64 -6.03
N GLU B 347 -29.78 2.72 -6.08
CA GLU B 347 -30.51 2.33 -7.28
C GLU B 347 -30.17 3.27 -8.44
N ASN B 348 -30.10 4.57 -8.19
CA ASN B 348 -29.73 5.51 -9.24
C ASN B 348 -28.33 5.23 -9.78
N ALA B 349 -27.38 4.97 -8.87
CA ALA B 349 -26.03 4.64 -9.30
C ALA B 349 -25.99 3.35 -10.12
N ASP B 350 -26.91 2.42 -9.84
CA ASP B 350 -26.91 1.15 -10.55
C ASP B 350 -27.35 1.32 -12.00
N LYS B 351 -28.53 1.89 -12.22
CA LYS B 351 -29.02 2.00 -13.59
C LYS B 351 -28.26 3.03 -14.40
N LEU B 352 -27.75 4.09 -13.74
CA LEU B 352 -26.97 5.07 -14.48
C LEU B 352 -25.59 4.55 -14.84
N GLY B 353 -25.02 3.69 -13.98
CA GLY B 353 -23.73 3.09 -14.30
C GLY B 353 -23.77 2.16 -15.49
N ILE B 354 -24.89 1.47 -15.68
CA ILE B 354 -25.05 0.62 -16.86
C ILE B 354 -25.10 1.45 -18.12
N ILE B 355 -25.71 2.63 -18.06
CA ILE B 355 -25.74 3.54 -19.20
C ILE B 355 -24.34 4.04 -19.50
N LEU B 356 -23.60 4.45 -18.46
CA LEU B 356 -22.28 5.01 -18.65
C LEU B 356 -21.33 4.01 -19.30
N ARG B 357 -21.28 2.78 -18.77
CA ARG B 357 -20.37 1.77 -19.32
C ARG B 357 -20.76 1.41 -20.75
N ASN B 358 -22.06 1.29 -21.02
CA ASN B 358 -22.50 0.91 -22.36
C ASN B 358 -22.12 1.97 -23.38
N GLU B 359 -22.29 3.25 -23.03
CA GLU B 359 -21.92 4.32 -23.95
C GLU B 359 -20.40 4.38 -24.14
N LEU B 360 -19.64 4.15 -23.07
CA LEU B 360 -18.19 4.19 -23.17
C LEU B 360 -17.65 3.07 -24.06
N MET B 361 -18.29 1.91 -24.04
CA MET B 361 -17.81 0.77 -24.83
C MET B 361 -18.03 0.96 -26.33
N LYS B 362 -18.75 2.00 -26.74
CA LYS B 362 -18.92 2.27 -28.17
C LYS B 362 -17.73 3.00 -28.77
N LEU B 363 -16.87 3.58 -27.94
CA LEU B 363 -15.68 4.25 -28.44
C LEU B 363 -14.78 3.23 -29.16
N PRO B 364 -14.03 3.66 -30.17
CA PRO B 364 -13.24 2.71 -30.96
C PRO B 364 -12.18 2.00 -30.12
N SER B 365 -11.97 0.72 -30.44
CA SER B 365 -11.07 -0.12 -29.64
C SER B 365 -9.65 0.39 -29.65
N ASP B 366 -9.21 1.00 -30.75
CA ASP B 366 -7.85 1.52 -30.83
C ASP B 366 -7.65 2.80 -30.05
N VAL B 367 -8.65 3.23 -29.29
CA VAL B 367 -8.56 4.43 -28.47
C VAL B 367 -8.71 4.05 -27.00
N VAL B 368 -9.85 3.46 -26.65
CA VAL B 368 -10.07 2.87 -25.34
C VAL B 368 -10.03 1.37 -25.47
N THR B 369 -9.21 0.72 -24.64
CA THR B 369 -8.99 -0.72 -24.73
C THR B 369 -9.78 -1.52 -23.71
N ALA B 370 -10.44 -0.86 -22.77
CA ALA B 370 -11.22 -1.55 -21.75
C ALA B 370 -12.11 -0.54 -21.02
N VAL B 371 -13.32 -0.97 -20.67
CA VAL B 371 -14.23 -0.22 -19.83
C VAL B 371 -14.73 -1.15 -18.74
N ARG B 372 -14.57 -0.76 -17.48
CA ARG B 372 -14.93 -1.62 -16.37
C ARG B 372 -15.50 -0.77 -15.24
N GLY B 373 -16.11 -1.46 -14.27
CA GLY B 373 -16.65 -0.79 -13.10
C GLY B 373 -17.99 -1.33 -12.66
N LYS B 374 -18.46 -0.88 -11.50
CA LYS B 374 -19.76 -1.21 -10.97
C LYS B 374 -20.44 0.06 -10.47
N GLY B 375 -21.75 0.15 -10.71
CA GLY B 375 -22.46 1.35 -10.33
C GLY B 375 -21.84 2.57 -10.99
N LEU B 376 -21.63 3.62 -10.19
CA LEU B 376 -20.99 4.84 -10.68
C LEU B 376 -19.52 4.92 -10.31
N LEU B 377 -18.87 3.77 -10.16
CA LEU B 377 -17.42 3.68 -9.99
C LEU B 377 -16.88 2.96 -11.23
N ASN B 378 -16.38 3.73 -12.19
CA ASN B 378 -15.99 3.18 -13.48
C ASN B 378 -14.65 3.77 -13.90
N ALA B 379 -14.04 3.12 -14.89
CA ALA B 379 -12.79 3.59 -15.46
C ALA B 379 -12.67 3.08 -16.89
N ILE B 380 -11.87 3.79 -17.69
CA ILE B 380 -11.53 3.38 -19.04
C ILE B 380 -10.02 3.26 -19.15
N VAL B 381 -9.57 2.38 -20.04
CA VAL B 381 -8.15 2.16 -20.28
C VAL B 381 -7.81 2.74 -21.65
N ILE B 382 -6.82 3.63 -21.67
CA ILE B 382 -6.46 4.39 -22.86
C ILE B 382 -5.30 3.69 -23.55
N LYS B 383 -5.42 3.51 -24.86
CA LYS B 383 -4.31 2.99 -25.67
C LYS B 383 -3.22 4.05 -25.69
N GLU B 384 -2.42 4.07 -24.62
CA GLU B 384 -1.40 5.09 -24.45
C GLU B 384 -0.29 4.91 -25.48
N THR B 385 0.11 6.02 -26.09
CA THR B 385 1.26 6.06 -26.99
C THR B 385 2.35 6.91 -26.35
N LYS B 386 3.34 7.28 -27.14
CA LYS B 386 4.38 8.19 -26.65
C LYS B 386 3.90 9.63 -26.65
N ASP B 387 2.96 9.97 -27.53
CA ASP B 387 2.46 11.33 -27.67
C ASP B 387 1.13 11.57 -26.97
N TRP B 388 0.36 10.53 -26.68
CA TRP B 388 -1.01 10.65 -26.23
C TRP B 388 -1.22 9.76 -25.02
N ASP B 389 -1.64 10.35 -23.91
CA ASP B 389 -1.78 9.61 -22.65
C ASP B 389 -2.99 10.15 -21.89
N ALA B 390 -3.25 9.55 -20.72
CA ALA B 390 -4.45 9.86 -19.96
C ALA B 390 -4.41 11.26 -19.38
N TRP B 391 -3.22 11.76 -19.02
CA TRP B 391 -3.12 13.11 -18.47
C TRP B 391 -3.56 14.16 -19.48
N LYS B 392 -3.15 14.01 -20.73
CA LYS B 392 -3.56 14.95 -21.77
C LYS B 392 -5.06 14.86 -22.03
N VAL B 393 -5.63 13.65 -21.96
CA VAL B 393 -7.08 13.50 -22.13
C VAL B 393 -7.81 14.23 -21.02
N CYS B 394 -7.26 14.20 -19.80
CA CYS B 394 -7.92 14.86 -18.68
C CYS B 394 -7.80 16.37 -18.79
N LEU B 395 -6.67 16.87 -19.31
CA LEU B 395 -6.54 18.31 -19.52
C LEU B 395 -7.55 18.81 -20.54
N ARG B 396 -7.76 18.05 -21.62
CA ARG B 396 -8.74 18.45 -22.61
C ARG B 396 -10.17 18.26 -22.10
N LEU B 397 -10.40 17.22 -21.29
CA LEU B 397 -11.70 17.06 -20.65
C LEU B 397 -12.03 18.26 -19.77
N ARG B 398 -11.03 18.76 -19.03
CA ARG B 398 -11.23 19.96 -18.24
C ARG B 398 -11.59 21.14 -19.12
N ASP B 399 -10.93 21.26 -20.27
CA ASP B 399 -11.24 22.35 -21.21
C ASP B 399 -12.68 22.29 -21.68
N ASN B 400 -13.23 21.09 -21.82
CA ASN B 400 -14.61 20.91 -22.27
C ASN B 400 -15.60 20.79 -21.11
N GLY B 401 -15.18 21.12 -19.89
CA GLY B 401 -16.09 21.21 -18.77
C GLY B 401 -16.32 19.95 -17.98
N LEU B 402 -15.40 19.00 -18.01
CA LEU B 402 -15.51 17.76 -17.24
C LEU B 402 -14.20 17.49 -16.55
N LEU B 403 -14.24 17.34 -15.23
CA LEU B 403 -13.05 17.12 -14.42
C LEU B 403 -12.91 15.65 -14.07
N ALA B 404 -11.75 15.08 -14.38
CA ALA B 404 -11.46 13.69 -14.05
C ALA B 404 -9.97 13.55 -13.81
N LYS B 405 -9.60 12.52 -13.03
CA LYS B 405 -8.21 12.29 -12.71
C LYS B 405 -7.72 10.98 -13.32
N PRO B 406 -6.53 10.96 -13.92
CA PRO B 406 -5.94 9.70 -14.36
C PRO B 406 -5.20 9.03 -13.21
N THR B 407 -5.25 7.70 -13.20
CA THR B 407 -4.68 6.94 -12.10
C THR B 407 -3.38 6.23 -12.45
N HIS B 408 -3.03 6.10 -13.74
CA HIS B 408 -1.78 5.42 -14.08
C HIS B 408 -1.22 5.79 -15.44
N GLY B 409 -1.65 6.88 -16.07
CA GLY B 409 -1.17 7.27 -17.37
C GLY B 409 -1.87 6.61 -18.54
N ASP B 410 -2.60 5.53 -18.29
CA ASP B 410 -3.45 4.92 -19.30
C ASP B 410 -4.86 4.64 -18.80
N ILE B 411 -5.16 4.96 -17.55
CA ILE B 411 -6.46 4.74 -16.94
C ILE B 411 -7.06 6.09 -16.56
N ILE B 412 -8.34 6.26 -16.86
CA ILE B 412 -9.09 7.45 -16.46
C ILE B 412 -10.34 6.99 -15.72
N ARG B 413 -10.55 7.53 -14.53
CA ARG B 413 -11.69 7.17 -13.71
C ARG B 413 -12.86 8.11 -13.97
N PHE B 414 -14.06 7.54 -14.06
CA PHE B 414 -15.30 8.31 -14.19
C PHE B 414 -16.20 7.92 -13.01
N ALA B 415 -16.29 8.80 -12.03
CA ALA B 415 -17.09 8.56 -10.82
C ALA B 415 -17.77 9.85 -10.41
N PRO B 416 -18.91 10.18 -11.02
CA PRO B 416 -19.63 11.40 -10.66
C PRO B 416 -20.45 11.19 -9.40
N PRO B 417 -20.93 12.28 -8.78
CA PRO B 417 -21.81 12.13 -7.61
C PRO B 417 -23.06 11.33 -7.96
N LEU B 418 -23.58 10.63 -6.96
CA LEU B 418 -24.71 9.73 -7.18
C LEU B 418 -26.03 10.46 -7.37
N VAL B 419 -26.09 11.77 -7.11
CA VAL B 419 -27.31 12.54 -7.34
C VAL B 419 -27.45 12.99 -8.79
N ILE B 420 -26.52 12.59 -9.67
CA ILE B 420 -26.62 12.97 -11.06
C ILE B 420 -27.86 12.35 -11.70
N LYS B 421 -28.41 13.05 -12.68
CA LYS B 421 -29.59 12.58 -13.41
C LYS B 421 -29.17 12.07 -14.79
N GLU B 422 -30.08 11.34 -15.42
CA GLU B 422 -29.75 10.67 -16.68
C GLU B 422 -29.36 11.67 -17.76
N ASP B 423 -30.07 12.79 -17.85
CA ASP B 423 -29.75 13.78 -18.88
C ASP B 423 -28.42 14.44 -18.60
N GLU B 424 -28.12 14.75 -17.33
CA GLU B 424 -26.82 15.30 -16.99
C GLU B 424 -25.71 14.28 -17.26
N LEU B 425 -25.99 13.00 -17.03
CA LEU B 425 -25.02 11.96 -17.37
C LEU B 425 -24.78 11.90 -18.87
N ARG B 426 -25.86 11.93 -19.66
CA ARG B 426 -25.72 11.88 -21.11
C ARG B 426 -25.04 13.12 -21.66
N GLU B 427 -25.25 14.28 -21.04
CA GLU B 427 -24.51 15.47 -21.43
C GLU B 427 -23.02 15.29 -21.18
N SER B 428 -22.66 14.69 -20.03
CA SER B 428 -21.26 14.43 -19.74
C SER B 428 -20.67 13.40 -20.70
N ILE B 429 -21.45 12.38 -21.06
CA ILE B 429 -20.99 11.40 -22.04
C ILE B 429 -20.67 12.07 -23.36
N GLU B 430 -21.50 13.03 -23.76
CA GLU B 430 -21.21 13.82 -24.96
C GLU B 430 -19.87 14.52 -24.85
N ILE B 431 -19.59 15.09 -23.67
CA ILE B 431 -18.30 15.75 -23.45
C ILE B 431 -17.16 14.75 -23.54
N ILE B 432 -17.39 13.53 -23.06
CA ILE B 432 -16.34 12.52 -23.08
C ILE B 432 -16.09 12.02 -24.50
N ASN B 433 -17.17 11.76 -25.25
CA ASN B 433 -17.02 11.30 -26.63
C ASN B 433 -16.29 12.33 -27.47
N LYS B 434 -16.67 13.60 -27.35
CA LYS B 434 -16.04 14.65 -28.15
C LYS B 434 -14.56 14.79 -27.81
N THR B 435 -14.23 14.79 -26.52
CA THR B 435 -12.84 14.93 -26.11
C THR B 435 -12.00 13.75 -26.59
N ILE B 436 -12.54 12.53 -26.46
CA ILE B 436 -11.77 11.34 -26.80
C ILE B 436 -11.49 11.29 -28.29
N LEU B 437 -12.49 11.55 -29.11
CA LEU B 437 -12.36 11.46 -30.56
C LEU B 437 -11.73 12.70 -31.18
N SER B 438 -11.45 13.73 -30.39
CA SER B 438 -10.81 14.95 -30.90
C SER B 438 -9.31 14.81 -31.06
N PHE B 439 -8.72 13.68 -30.67
CA PHE B 439 -7.28 13.49 -30.76
C PHE B 439 -6.89 12.84 -32.08
N PRO C 37 0.17 -48.60 -40.63
CA PRO C 37 0.29 -47.16 -40.89
C PRO C 37 -0.64 -46.34 -40.00
N PRO C 38 -0.19 -46.00 -38.79
CA PRO C 38 -1.03 -45.23 -37.87
C PRO C 38 -1.29 -43.83 -38.40
N THR C 39 -2.56 -43.43 -38.38
CA THR C 39 -2.96 -42.10 -38.81
C THR C 39 -2.91 -41.13 -37.63
N SER C 40 -3.04 -39.83 -37.95
CA SER C 40 -2.95 -38.80 -36.92
C SER C 40 -4.02 -38.98 -35.85
N ASP C 41 -5.28 -39.21 -36.27
CA ASP C 41 -6.34 -39.43 -35.31
C ASP C 41 -6.13 -40.69 -34.49
N ASP C 42 -5.54 -41.72 -35.09
CA ASP C 42 -5.20 -42.91 -34.31
C ASP C 42 -4.21 -42.57 -33.20
N ILE C 43 -3.23 -41.71 -33.50
CA ILE C 43 -2.22 -41.36 -32.51
C ILE C 43 -2.82 -40.54 -31.38
N PHE C 44 -3.75 -39.63 -31.70
CA PHE C 44 -4.43 -38.87 -30.65
C PHE C 44 -5.30 -39.80 -29.81
N GLU C 45 -6.16 -40.58 -30.46
CA GLU C 45 -7.13 -41.41 -29.75
C GLU C 45 -6.46 -42.41 -28.80
N ARG C 46 -5.26 -42.87 -29.13
CA ARG C 46 -4.64 -43.94 -28.36
C ARG C 46 -3.66 -43.44 -27.30
N GLU C 47 -3.05 -42.27 -27.49
CA GLU C 47 -2.39 -41.62 -26.36
C GLU C 47 -3.40 -41.26 -25.29
N TYR C 48 -4.62 -40.92 -25.70
CA TYR C 48 -5.71 -40.64 -24.77
C TYR C 48 -6.07 -41.88 -23.95
N LYS C 49 -5.85 -43.08 -24.50
CA LYS C 49 -6.27 -44.31 -23.83
C LYS C 49 -5.22 -44.80 -22.84
N TYR C 50 -3.94 -44.71 -23.20
CA TYR C 50 -2.89 -45.34 -22.42
C TYR C 50 -1.92 -44.35 -21.78
N GLY C 51 -2.05 -43.06 -22.06
CA GLY C 51 -1.18 -42.06 -21.49
C GLY C 51 -1.93 -41.06 -20.63
N ALA C 52 -1.27 -40.59 -19.59
CA ALA C 52 -1.88 -39.63 -18.68
C ALA C 52 -2.31 -38.37 -19.44
N HIS C 53 -3.37 -37.73 -18.95
CA HIS C 53 -3.92 -36.53 -19.57
C HIS C 53 -3.32 -35.25 -19.00
N ASN C 54 -2.02 -35.22 -18.72
CA ASN C 54 -1.40 -34.03 -18.18
C ASN C 54 -1.09 -32.97 -19.24
N TYR C 55 -1.45 -33.22 -20.49
CA TYR C 55 -1.25 -32.26 -21.57
C TYR C 55 -2.48 -32.25 -22.47
N HIS C 56 -2.68 -31.11 -23.14
CA HIS C 56 -3.64 -31.01 -24.24
C HIS C 56 -2.88 -30.42 -25.42
N PRO C 57 -2.12 -31.24 -26.14
CA PRO C 57 -1.27 -30.72 -27.22
C PRO C 57 -2.07 -30.23 -28.41
N LEU C 58 -1.40 -29.45 -29.25
CA LEU C 58 -2.00 -29.05 -30.52
C LEU C 58 -2.14 -30.29 -31.40
N PRO C 59 -3.35 -30.57 -31.92
CA PRO C 59 -3.55 -31.82 -32.67
C PRO C 59 -2.74 -31.91 -33.96
N VAL C 60 -1.48 -32.31 -33.82
CA VAL C 60 -0.62 -32.61 -34.97
C VAL C 60 0.37 -33.69 -34.53
N ALA C 61 0.52 -34.73 -35.35
CA ALA C 61 1.27 -35.92 -34.97
C ALA C 61 2.55 -35.98 -35.79
N LEU C 62 3.62 -35.40 -35.26
CA LEU C 62 4.89 -35.34 -35.96
C LEU C 62 5.61 -36.69 -35.91
N GLU C 63 6.40 -36.95 -36.94
CA GLU C 63 7.13 -38.22 -37.05
C GLU C 63 8.59 -37.97 -37.40
N ARG C 64 8.86 -36.89 -38.14
CA ARG C 64 10.22 -36.60 -38.60
C ARG C 64 10.49 -35.11 -38.47
N GLY C 65 11.71 -34.77 -38.07
CA GLY C 65 12.13 -33.39 -37.98
C GLY C 65 13.55 -33.18 -38.43
N LYS C 66 13.82 -32.08 -39.11
CA LYS C 66 15.17 -31.78 -39.61
C LYS C 66 15.30 -30.27 -39.75
N GLY C 67 16.30 -29.71 -39.07
CA GLY C 67 16.52 -28.27 -39.15
C GLY C 67 15.34 -27.51 -38.60
N ILE C 68 14.72 -26.69 -39.45
CA ILE C 68 13.60 -25.85 -39.05
C ILE C 68 12.25 -26.46 -39.40
N TYR C 69 12.22 -27.70 -39.90
CA TYR C 69 11.01 -28.29 -40.43
C TYR C 69 10.61 -29.52 -39.62
N LEU C 70 9.31 -29.82 -39.64
CA LEU C 70 8.75 -31.00 -39.00
C LEU C 70 7.70 -31.61 -39.91
N TRP C 71 7.74 -32.92 -40.06
CA TRP C 71 6.79 -33.66 -40.88
C TRP C 71 5.88 -34.52 -40.00
N ASP C 72 4.60 -34.57 -40.36
CA ASP C 72 3.68 -35.42 -39.63
C ASP C 72 3.55 -36.78 -40.32
N VAL C 73 2.70 -37.65 -39.76
CA VAL C 73 2.60 -39.02 -40.26
C VAL C 73 1.99 -39.08 -41.66
N GLU C 74 1.28 -38.03 -42.07
CA GLU C 74 0.75 -37.96 -43.43
C GLU C 74 1.74 -37.37 -44.42
N GLY C 75 2.94 -36.99 -43.97
CA GLY C 75 3.94 -36.39 -44.84
C GLY C 75 3.87 -34.89 -44.92
N ARG C 76 2.84 -34.26 -44.37
CA ARG C 76 2.71 -32.81 -44.45
C ARG C 76 3.88 -32.13 -43.74
N LYS C 77 4.34 -31.01 -44.32
CA LYS C 77 5.54 -30.33 -43.89
C LYS C 77 5.19 -29.01 -43.22
N TYR C 78 5.87 -28.70 -42.12
CA TYR C 78 5.56 -27.53 -41.32
C TYR C 78 6.83 -26.78 -40.95
N PHE C 79 6.68 -25.48 -40.70
CA PHE C 79 7.70 -24.71 -40.01
C PHE C 79 7.55 -24.89 -38.51
N ASP C 80 8.68 -25.07 -37.82
CA ASP C 80 8.69 -25.22 -36.37
C ASP C 80 8.97 -23.84 -35.76
N PHE C 81 7.95 -23.24 -35.15
CA PHE C 81 8.11 -21.94 -34.50
C PHE C 81 7.98 -22.03 -32.99
N LEU C 82 8.25 -23.20 -32.42
CA LEU C 82 8.38 -23.38 -30.99
C LEU C 82 9.78 -23.78 -30.56
N SER C 83 10.45 -24.60 -31.37
CA SER C 83 11.80 -25.06 -31.09
C SER C 83 11.87 -25.87 -29.79
N SER C 84 10.77 -26.54 -29.44
CA SER C 84 10.68 -27.30 -28.20
C SER C 84 11.15 -26.46 -27.01
N TYR C 85 10.62 -25.24 -26.95
CA TYR C 85 10.93 -24.29 -25.87
C TYR C 85 12.43 -23.96 -25.83
N SER C 86 13.03 -23.84 -27.01
CA SER C 86 14.44 -23.49 -27.28
C SER C 86 15.37 -24.68 -27.09
N ALA C 87 14.87 -25.89 -26.91
CA ALA C 87 15.74 -27.05 -26.77
C ALA C 87 16.41 -27.44 -28.08
N VAL C 88 15.81 -27.11 -29.22
CA VAL C 88 16.42 -27.39 -30.51
C VAL C 88 16.79 -26.06 -31.19
N ASN C 89 17.49 -25.19 -30.46
CA ASN C 89 18.02 -23.97 -31.05
C ASN C 89 18.81 -24.24 -32.31
N GLN C 90 19.49 -25.38 -32.37
CA GLN C 90 20.34 -25.76 -33.50
C GLN C 90 19.59 -26.53 -34.57
N GLY C 91 18.26 -26.57 -34.50
CA GLY C 91 17.47 -27.32 -35.47
C GLY C 91 17.37 -28.78 -35.13
N HIS C 92 16.26 -29.41 -35.55
CA HIS C 92 16.05 -30.82 -35.25
C HIS C 92 17.13 -31.68 -35.89
N CYS C 93 17.72 -32.57 -35.09
CA CYS C 93 18.66 -33.58 -35.56
C CYS C 93 19.84 -32.96 -36.31
N HIS C 94 20.48 -31.99 -35.67
CA HIS C 94 21.67 -31.38 -36.26
C HIS C 94 22.74 -32.45 -36.47
N PRO C 95 23.32 -32.56 -37.67
CA PRO C 95 24.21 -33.71 -37.95
C PRO C 95 25.41 -33.80 -37.03
N LYS C 96 26.01 -32.68 -36.65
CA LYS C 96 27.18 -32.72 -35.77
C LYS C 96 26.82 -33.31 -34.41
N ILE C 97 25.65 -32.94 -33.88
CA ILE C 97 25.22 -33.49 -32.59
C ILE C 97 24.86 -34.96 -32.73
N VAL C 98 24.23 -35.33 -33.85
CA VAL C 98 23.88 -36.72 -34.08
C VAL C 98 25.13 -37.60 -34.17
N ASN C 99 26.16 -37.11 -34.85
CA ASN C 99 27.39 -37.88 -34.98
C ASN C 99 28.10 -38.03 -33.64
N ALA C 100 28.10 -36.98 -32.82
CA ALA C 100 28.68 -37.08 -31.49
C ALA C 100 27.93 -38.10 -30.65
N LEU C 101 26.60 -38.13 -30.78
CA LEU C 101 25.80 -39.12 -30.06
C LEU C 101 26.06 -40.52 -30.59
N LYS C 102 26.08 -40.69 -31.91
CA LYS C 102 26.29 -42.01 -32.50
C LYS C 102 27.69 -42.53 -32.22
N SER C 103 28.68 -41.65 -32.10
CA SER C 103 30.04 -42.11 -31.84
C SER C 103 30.24 -42.55 -30.40
N GLN C 104 29.52 -41.93 -29.46
CA GLN C 104 29.69 -42.25 -28.05
C GLN C 104 28.83 -43.41 -27.59
N VAL C 105 27.69 -43.66 -28.24
CA VAL C 105 26.81 -44.72 -27.81
C VAL C 105 27.46 -46.09 -27.99
N ASP C 106 28.40 -46.20 -28.93
CA ASP C 106 29.12 -47.45 -29.13
C ASP C 106 30.20 -47.69 -28.07
N LYS C 107 30.71 -46.63 -27.43
CA LYS C 107 31.80 -46.76 -26.48
C LYS C 107 31.30 -46.96 -25.05
N LEU C 108 30.55 -45.99 -24.54
CA LEU C 108 30.14 -45.97 -23.14
C LEU C 108 29.05 -44.93 -22.96
N THR C 109 28.03 -45.26 -22.18
CA THR C 109 26.91 -44.36 -21.97
C THR C 109 26.67 -43.99 -20.51
N LEU C 110 26.89 -44.92 -19.57
CA LEU C 110 26.61 -44.62 -18.17
C LEU C 110 27.39 -45.56 -17.27
N THR C 111 28.32 -45.01 -16.50
CA THR C 111 28.93 -45.71 -15.38
C THR C 111 28.39 -45.24 -14.05
N SER C 112 27.51 -44.22 -14.07
CA SER C 112 27.08 -43.48 -12.89
C SER C 112 28.26 -42.74 -12.26
N ARG C 113 27.98 -41.65 -11.55
CA ARG C 113 29.04 -40.87 -10.94
C ARG C 113 29.75 -41.65 -9.83
N ALA C 114 29.35 -42.92 -9.62
CA ALA C 114 30.12 -43.79 -8.74
C ALA C 114 31.55 -43.93 -9.23
N PHE C 115 31.73 -44.07 -10.54
CA PHE C 115 33.06 -44.10 -11.10
C PHE C 115 33.29 -42.87 -11.98
N TYR C 116 34.57 -42.66 -12.32
CA TYR C 116 34.90 -41.63 -13.28
C TYR C 116 34.70 -42.16 -14.69
N ASN C 117 34.26 -41.29 -15.58
CA ASN C 117 34.28 -41.54 -17.01
C ASN C 117 35.18 -40.51 -17.67
N ASN C 118 35.75 -40.88 -18.81
CA ASN C 118 36.73 -40.02 -19.46
C ASN C 118 36.12 -38.79 -20.11
N VAL C 119 34.81 -38.78 -20.33
CA VAL C 119 34.17 -37.72 -21.10
C VAL C 119 33.68 -36.57 -20.23
N LEU C 120 33.13 -36.89 -19.06
CA LEU C 120 32.46 -35.87 -18.25
C LEU C 120 33.38 -34.68 -17.96
N GLY C 121 34.65 -34.95 -17.67
CA GLY C 121 35.58 -33.87 -17.38
C GLY C 121 35.81 -32.96 -18.58
N GLU C 122 35.96 -33.55 -19.77
CA GLU C 122 36.18 -32.78 -20.98
C GLU C 122 35.09 -31.73 -21.18
N TYR C 123 33.84 -32.09 -20.92
CA TYR C 123 32.74 -31.14 -21.02
C TYR C 123 32.85 -30.06 -19.95
N GLU C 124 33.27 -30.44 -18.73
CA GLU C 124 33.33 -29.49 -17.63
C GLU C 124 34.33 -28.37 -17.92
N GLU C 125 35.53 -28.73 -18.38
CA GLU C 125 36.53 -27.71 -18.68
C GLU C 125 36.06 -26.82 -19.84
N TYR C 126 35.38 -27.41 -20.82
CA TYR C 126 34.94 -26.63 -21.98
C TYR C 126 33.86 -25.63 -21.61
N ILE C 127 32.89 -26.04 -20.79
CA ILE C 127 31.77 -25.16 -20.49
C ILE C 127 32.15 -24.12 -19.42
N THR C 128 33.05 -24.47 -18.50
CA THR C 128 33.45 -23.51 -17.49
C THR C 128 34.29 -22.38 -18.08
N LYS C 129 35.22 -22.72 -18.98
CA LYS C 129 35.99 -21.71 -19.68
C LYS C 129 35.11 -20.89 -20.61
N LEU C 130 34.09 -21.51 -21.20
CA LEU C 130 33.24 -20.82 -22.17
C LEU C 130 32.46 -19.69 -21.50
N PHE C 131 31.89 -19.96 -20.33
CA PHE C 131 31.11 -18.97 -19.60
C PHE C 131 31.90 -18.29 -18.50
N ASN C 132 33.17 -18.66 -18.32
CA ASN C 132 34.09 -18.02 -17.37
C ASN C 132 33.57 -18.13 -15.93
N TYR C 133 33.21 -19.35 -15.53
CA TYR C 133 32.97 -19.67 -14.14
C TYR C 133 33.92 -20.77 -13.72
N HIS C 134 34.19 -20.85 -12.41
CA HIS C 134 35.15 -21.82 -11.91
C HIS C 134 34.72 -23.26 -12.22
N LYS C 135 33.51 -23.62 -11.79
CA LYS C 135 33.09 -25.01 -11.82
C LYS C 135 31.67 -25.11 -12.37
N VAL C 136 31.29 -26.34 -12.71
CA VAL C 136 29.95 -26.65 -13.20
C VAL C 136 29.47 -27.92 -12.51
N LEU C 137 28.17 -27.99 -12.23
CA LEU C 137 27.55 -29.16 -11.65
C LEU C 137 26.57 -29.74 -12.65
N PRO C 138 26.80 -30.95 -13.16
CA PRO C 138 25.93 -31.47 -14.21
C PRO C 138 24.68 -32.14 -13.66
N MET C 139 23.55 -31.83 -14.29
CA MET C 139 22.29 -32.51 -14.02
C MET C 139 21.65 -32.84 -15.36
N ASN C 140 20.39 -33.31 -15.32
CA ASN C 140 19.70 -33.77 -16.53
C ASN C 140 18.64 -32.78 -17.00
N THR C 141 17.63 -32.51 -16.18
CA THR C 141 16.52 -31.67 -16.59
C THR C 141 16.64 -30.27 -16.01
N GLY C 142 15.74 -29.39 -16.45
CA GLY C 142 15.79 -28.00 -16.03
C GLY C 142 15.44 -27.81 -14.56
N VAL C 143 14.44 -28.55 -14.06
CA VAL C 143 14.12 -28.48 -12.64
C VAL C 143 15.33 -28.83 -11.80
N GLU C 144 16.05 -29.88 -12.19
CA GLU C 144 17.15 -30.39 -11.38
C GLU C 144 18.24 -29.34 -11.22
N ALA C 145 18.56 -28.61 -12.30
CA ALA C 145 19.47 -27.48 -12.18
C ALA C 145 18.87 -26.41 -11.27
N GLY C 146 17.55 -26.22 -11.32
CA GLY C 146 16.92 -25.26 -10.43
C GLY C 146 16.96 -25.72 -8.98
N GLU C 147 16.62 -27.00 -8.74
CA GLU C 147 16.74 -27.55 -7.39
C GLU C 147 18.17 -27.49 -6.90
N THR C 148 19.14 -27.78 -7.77
CA THR C 148 20.55 -27.67 -7.40
C THR C 148 20.90 -26.24 -7.01
N ALA C 149 20.39 -25.25 -7.75
CA ALA C 149 20.66 -23.86 -7.41
C ALA C 149 20.06 -23.49 -6.07
N CYS C 150 18.86 -23.99 -5.78
CA CYS C 150 18.24 -23.74 -4.47
C CYS C 150 19.04 -24.39 -3.35
N LYS C 151 19.57 -25.59 -3.60
CA LYS C 151 20.36 -26.27 -2.59
C LYS C 151 21.70 -25.57 -2.38
N LEU C 152 22.33 -25.12 -3.46
CA LEU C 152 23.58 -24.37 -3.33
C LEU C 152 23.36 -23.07 -2.56
N ALA C 153 22.28 -22.34 -2.89
CA ALA C 153 22.02 -21.06 -2.24
C ALA C 153 21.78 -21.24 -0.75
N ARG C 154 20.98 -22.24 -0.38
CA ARG C 154 20.71 -22.49 1.03
C ARG C 154 21.97 -22.95 1.75
N LYS C 155 22.71 -23.89 1.16
CA LYS C 155 23.95 -24.37 1.78
C LYS C 155 24.96 -23.25 1.91
N TRP C 156 25.06 -22.38 0.90
CA TRP C 156 25.92 -21.21 1.01
C TRP C 156 25.41 -20.24 2.07
N GLY C 157 24.09 -20.15 2.25
CA GLY C 157 23.55 -19.23 3.23
C GLY C 157 23.88 -19.62 4.65
N TYR C 158 23.91 -20.93 4.94
CA TYR C 158 24.19 -21.38 6.30
C TYR C 158 25.69 -21.45 6.58
N THR C 159 26.47 -21.96 5.63
CA THR C 159 27.87 -22.23 5.89
C THR C 159 28.79 -21.06 5.55
N VAL C 160 28.32 -20.07 4.78
CA VAL C 160 29.14 -18.94 4.39
C VAL C 160 28.55 -17.63 4.89
N LYS C 161 27.25 -17.42 4.69
CA LYS C 161 26.64 -16.17 5.13
C LYS C 161 26.38 -16.15 6.63
N GLY C 162 26.12 -17.31 7.23
CA GLY C 162 25.87 -17.39 8.65
C GLY C 162 24.40 -17.35 9.05
N ILE C 163 23.48 -17.62 8.12
CA ILE C 163 22.07 -17.68 8.47
C ILE C 163 21.85 -18.88 9.38
N GLN C 164 21.11 -18.67 10.47
CA GLN C 164 20.78 -19.78 11.36
C GLN C 164 20.03 -20.85 10.58
N LYS C 165 20.28 -22.11 10.95
CA LYS C 165 19.92 -23.21 10.07
C LYS C 165 18.41 -23.29 9.86
N TYR C 166 18.01 -23.19 8.60
CA TYR C 166 16.67 -23.42 8.07
C TYR C 166 15.80 -22.18 8.24
N LYS C 167 16.45 -21.03 8.39
CA LYS C 167 15.79 -19.73 8.25
C LYS C 167 16.09 -19.07 6.91
N ALA C 168 16.86 -19.71 6.04
CA ALA C 168 17.24 -19.10 4.78
C ALA C 168 16.05 -18.98 3.86
N LYS C 169 16.00 -17.89 3.11
CA LYS C 169 14.93 -17.61 2.17
C LYS C 169 15.50 -17.40 0.78
N ILE C 170 14.72 -17.80 -0.22
CA ILE C 170 15.02 -17.55 -1.63
C ILE C 170 13.86 -16.75 -2.22
N VAL C 171 14.18 -15.65 -2.89
CA VAL C 171 13.18 -14.77 -3.47
C VAL C 171 12.98 -15.14 -4.94
N PHE C 172 11.73 -15.10 -5.38
CA PHE C 172 11.37 -15.35 -6.77
C PHE C 172 10.50 -14.23 -7.29
N ALA C 173 10.45 -14.10 -8.61
CA ALA C 173 9.61 -13.10 -9.26
C ALA C 173 8.29 -13.73 -9.69
N ALA C 174 7.20 -12.99 -9.51
CA ALA C 174 5.89 -13.48 -9.92
C ALA C 174 5.87 -13.76 -11.41
N GLY C 175 5.15 -14.81 -11.81
CA GLY C 175 5.17 -15.27 -13.17
C GLY C 175 6.34 -16.17 -13.52
N ASN C 176 7.15 -16.54 -12.54
CA ASN C 176 8.31 -17.39 -12.81
C ASN C 176 7.87 -18.82 -13.15
N PHE C 177 8.68 -19.48 -13.95
CA PHE C 177 8.54 -20.90 -14.21
C PHE C 177 9.92 -21.53 -14.20
N TRP C 178 10.11 -22.56 -13.37
CA TRP C 178 11.34 -23.32 -13.46
C TRP C 178 11.12 -24.82 -13.28
N GLY C 179 9.93 -25.31 -13.62
CA GLY C 179 9.69 -26.73 -13.68
C GLY C 179 8.44 -27.12 -12.93
N ARG C 180 8.33 -28.42 -12.63
CA ARG C 180 7.11 -29.00 -12.09
C ARG C 180 7.32 -29.85 -10.85
N THR C 181 8.50 -29.82 -10.24
CA THR C 181 8.64 -30.46 -8.94
C THR C 181 7.85 -29.68 -7.90
N LEU C 182 7.67 -30.30 -6.73
CA LEU C 182 6.92 -29.64 -5.66
C LEU C 182 7.57 -28.32 -5.27
N SER C 183 8.90 -28.27 -5.28
CA SER C 183 9.60 -27.04 -4.96
C SER C 183 9.38 -25.97 -6.04
N ALA C 184 9.33 -26.40 -7.31
CA ALA C 184 9.21 -25.44 -8.40
C ALA C 184 7.83 -24.78 -8.41
N ILE C 185 6.78 -25.56 -8.25
CA ILE C 185 5.41 -25.02 -8.18
C ILE C 185 5.16 -24.26 -6.89
N SER C 186 6.02 -24.41 -5.89
CA SER C 186 5.83 -23.68 -4.63
C SER C 186 6.14 -22.20 -4.80
N SER C 187 7.06 -21.85 -5.68
CA SER C 187 7.36 -20.46 -5.99
C SER C 187 6.50 -19.90 -7.10
N SER C 188 5.61 -20.72 -7.67
CA SER C 188 4.80 -20.30 -8.81
C SER C 188 3.60 -19.47 -8.37
N THR C 189 3.26 -18.49 -9.19
CA THR C 189 2.03 -17.72 -9.02
C THR C 189 0.93 -18.20 -9.96
N ASP C 190 1.21 -19.24 -10.76
CA ASP C 190 0.22 -19.77 -11.70
C ASP C 190 -0.61 -20.84 -11.00
N PRO C 191 -1.91 -20.63 -10.81
CA PRO C 191 -2.73 -21.63 -10.11
C PRO C 191 -2.72 -23.00 -10.77
N THR C 192 -2.60 -23.05 -12.11
CA THR C 192 -2.57 -24.34 -12.79
C THR C 192 -1.40 -25.18 -12.34
N SER C 193 -0.32 -24.55 -11.86
CA SER C 193 0.87 -25.31 -11.46
C SER C 193 0.74 -25.88 -10.06
N TYR C 194 0.16 -25.12 -9.12
CA TYR C 194 0.22 -25.51 -7.72
C TYR C 194 -1.12 -25.93 -7.10
N ASP C 195 -2.24 -25.63 -7.75
CA ASP C 195 -3.54 -25.90 -7.14
C ASP C 195 -3.74 -27.40 -6.99
N GLY C 196 -4.02 -27.84 -5.76
CA GLY C 196 -4.29 -29.24 -5.48
C GLY C 196 -3.07 -30.11 -5.26
N PHE C 197 -1.88 -29.52 -5.17
CA PHE C 197 -0.67 -30.33 -5.05
C PHE C 197 -0.03 -30.20 -3.67
N GLY C 198 -0.83 -30.38 -2.62
CA GLY C 198 -0.34 -30.57 -1.28
C GLY C 198 0.33 -29.35 -0.67
N PRO C 199 0.76 -29.49 0.58
CA PRO C 199 1.51 -28.40 1.23
C PRO C 199 2.73 -28.01 0.43
N PHE C 200 3.19 -26.78 0.64
CA PHE C 200 4.17 -26.18 -0.23
C PHE C 200 5.47 -25.90 0.52
N MET C 201 6.54 -25.74 -0.26
CA MET C 201 7.87 -25.54 0.31
C MET C 201 7.96 -24.20 1.02
N PRO C 202 8.38 -24.17 2.28
CA PRO C 202 8.59 -22.89 2.96
C PRO C 202 9.93 -22.27 2.55
N GLY C 203 10.09 -21.00 2.88
CA GLY C 203 11.31 -20.28 2.59
C GLY C 203 11.38 -19.65 1.23
N PHE C 204 10.28 -19.57 0.49
CA PHE C 204 10.23 -18.92 -0.81
C PHE C 204 9.42 -17.63 -0.70
N ASP C 205 10.01 -16.51 -1.13
CA ASP C 205 9.33 -15.23 -1.19
C ASP C 205 9.11 -14.85 -2.65
N ILE C 206 7.98 -14.19 -2.91
CA ILE C 206 7.57 -13.84 -4.27
C ILE C 206 7.36 -12.34 -4.34
N ILE C 207 8.08 -11.70 -5.26
CA ILE C 207 7.95 -10.26 -5.49
C ILE C 207 7.58 -10.06 -6.95
N PRO C 208 7.07 -8.88 -7.31
CA PRO C 208 6.76 -8.63 -8.72
C PRO C 208 8.00 -8.68 -9.61
N TYR C 209 7.80 -9.20 -10.82
CA TYR C 209 8.85 -9.14 -11.82
C TYR C 209 9.04 -7.71 -12.32
N ASN C 210 10.26 -7.42 -12.79
CA ASN C 210 10.60 -6.10 -13.33
C ASN C 210 10.31 -5.01 -12.31
N ASP C 211 10.71 -5.25 -11.05
CA ASP C 211 10.41 -4.34 -9.94
C ASP C 211 11.62 -4.32 -9.02
N LEU C 212 12.50 -3.34 -9.25
CA LEU C 212 13.70 -3.18 -8.43
C LEU C 212 13.38 -2.67 -7.02
N PRO C 213 12.44 -1.72 -6.85
CA PRO C 213 12.08 -1.35 -5.46
C PRO C 213 11.55 -2.51 -4.63
N ALA C 214 10.76 -3.40 -5.24
CA ALA C 214 10.27 -4.56 -4.50
C ALA C 214 11.41 -5.49 -4.12
N LEU C 215 12.39 -5.67 -5.02
CA LEU C 215 13.56 -6.47 -4.69
C LEU C 215 14.38 -5.82 -3.58
N GLU C 216 14.52 -4.50 -3.64
CA GLU C 216 15.24 -3.78 -2.58
C GLU C 216 14.54 -3.94 -1.23
N ARG C 217 13.20 -3.89 -1.24
CA ARG C 217 12.44 -4.11 -0.01
C ARG C 217 12.59 -5.55 0.47
N ALA C 218 12.64 -6.51 -0.47
CA ALA C 218 12.73 -7.91 -0.09
C ALA C 218 14.09 -8.25 0.51
N LEU C 219 15.16 -7.66 -0.04
CA LEU C 219 16.52 -7.96 0.40
C LEU C 219 16.87 -7.29 1.71
N GLN C 220 15.90 -6.74 2.44
CA GLN C 220 16.15 -6.22 3.77
C GLN C 220 16.28 -7.32 4.81
N ASP C 221 15.68 -8.49 4.56
CA ASP C 221 15.80 -9.61 5.48
C ASP C 221 17.18 -10.23 5.33
N PRO C 222 18.02 -10.21 6.36
CA PRO C 222 19.36 -10.84 6.25
C PRO C 222 19.30 -12.34 6.04
N ASN C 223 18.15 -12.98 6.29
CA ASN C 223 17.99 -14.41 6.04
C ASN C 223 17.77 -14.73 4.57
N VAL C 224 17.66 -13.72 3.70
CA VAL C 224 17.56 -13.99 2.27
C VAL C 224 18.92 -14.45 1.76
N ALA C 225 18.95 -15.61 1.12
CA ALA C 225 20.19 -16.17 0.61
C ALA C 225 20.39 -15.95 -0.89
N ALA C 226 19.30 -15.91 -1.67
CA ALA C 226 19.43 -15.78 -3.10
C ALA C 226 18.18 -15.14 -3.69
N PHE C 227 18.29 -14.76 -4.96
CA PHE C 227 17.17 -14.27 -5.76
C PHE C 227 17.26 -14.96 -7.11
N MET C 228 16.25 -15.78 -7.42
CA MET C 228 16.20 -16.47 -8.70
C MET C 228 15.24 -15.73 -9.64
N VAL C 229 15.72 -15.45 -10.85
CA VAL C 229 14.93 -14.67 -11.80
C VAL C 229 15.34 -15.05 -13.21
N GLU C 230 14.37 -15.09 -14.11
CA GLU C 230 14.65 -15.27 -15.53
C GLU C 230 14.98 -13.92 -16.15
N PRO C 231 16.03 -13.83 -16.97
CA PRO C 231 16.30 -12.56 -17.68
C PRO C 231 15.16 -12.17 -18.60
N ILE C 232 14.45 -13.16 -19.15
CA ILE C 232 13.19 -12.96 -19.85
C ILE C 232 12.26 -14.09 -19.45
N GLN C 233 11.05 -13.74 -19.01
CA GLN C 233 10.11 -14.74 -18.51
C GLN C 233 9.44 -15.41 -19.71
N GLY C 234 9.87 -16.63 -20.02
CA GLY C 234 9.35 -17.36 -21.15
C GLY C 234 7.89 -17.79 -21.02
N GLU C 235 7.62 -18.70 -20.08
CA GLU C 235 6.27 -19.26 -19.96
C GLU C 235 5.26 -18.24 -19.46
N ALA C 236 5.71 -17.10 -18.94
CA ALA C 236 4.81 -16.03 -18.58
C ALA C 236 4.29 -15.26 -19.79
N GLY C 237 4.88 -15.47 -20.97
CA GLY C 237 4.44 -14.81 -22.18
C GLY C 237 5.51 -13.94 -22.80
N VAL C 238 6.77 -14.36 -22.68
CA VAL C 238 7.93 -13.61 -23.15
C VAL C 238 7.85 -12.19 -22.59
N VAL C 239 7.89 -12.07 -21.26
CA VAL C 239 7.83 -10.79 -20.58
C VAL C 239 9.26 -10.27 -20.45
N VAL C 240 9.59 -9.25 -21.23
CA VAL C 240 10.93 -8.68 -21.27
C VAL C 240 10.98 -7.54 -20.25
N PRO C 241 11.89 -7.58 -19.28
CA PRO C 241 11.96 -6.49 -18.30
C PRO C 241 12.56 -5.23 -18.91
N ASP C 242 12.35 -4.12 -18.20
CA ASP C 242 12.82 -2.83 -18.68
C ASP C 242 14.35 -2.83 -18.79
N PRO C 243 14.91 -2.00 -19.68
CA PRO C 243 16.38 -1.87 -19.72
C PRO C 243 16.91 -1.36 -18.40
N GLY C 244 17.97 -2.01 -17.91
CA GLY C 244 18.57 -1.67 -16.64
C GLY C 244 18.12 -2.55 -15.48
N TYR C 245 17.12 -3.39 -15.68
CA TYR C 245 16.63 -4.24 -14.59
C TYR C 245 17.70 -5.23 -14.14
N LEU C 246 18.42 -5.84 -15.08
CA LEU C 246 19.43 -6.83 -14.72
C LEU C 246 20.62 -6.17 -14.02
N MET C 247 21.03 -4.98 -14.45
CA MET C 247 22.07 -4.26 -13.72
C MET C 247 21.61 -3.93 -12.30
N GLY C 248 20.36 -3.47 -12.15
CA GLY C 248 19.86 -3.15 -10.82
C GLY C 248 19.75 -4.37 -9.93
N VAL C 249 19.34 -5.51 -10.50
CA VAL C 249 19.28 -6.75 -9.73
C VAL C 249 20.68 -7.15 -9.28
N ARG C 250 21.65 -7.05 -10.17
CA ARG C 250 23.03 -7.41 -9.82
C ARG C 250 23.56 -6.52 -8.69
N GLU C 251 23.29 -5.23 -8.76
CA GLU C 251 23.78 -4.32 -7.72
C GLU C 251 23.09 -4.57 -6.39
N LEU C 252 21.78 -4.79 -6.41
CA LEU C 252 21.05 -5.03 -5.17
C LEU C 252 21.50 -6.31 -4.51
N CYS C 253 21.76 -7.35 -5.29
CA CYS C 253 22.21 -8.62 -4.73
C CYS C 253 23.61 -8.48 -4.15
N THR C 254 24.51 -7.80 -4.85
CA THR C 254 25.86 -7.59 -4.32
C THR C 254 25.84 -6.76 -3.05
N ARG C 255 25.03 -5.72 -3.01
CA ARG C 255 25.02 -4.81 -1.86
C ARG C 255 24.57 -5.52 -0.59
N HIS C 256 23.57 -6.39 -0.69
CA HIS C 256 23.00 -7.06 0.47
C HIS C 256 23.53 -8.47 0.67
N GLN C 257 24.62 -8.83 0.01
CA GLN C 257 25.24 -10.15 0.14
C GLN C 257 24.23 -11.26 -0.13
N VAL C 258 23.67 -11.21 -1.33
CA VAL C 258 22.65 -12.15 -1.78
C VAL C 258 23.06 -12.71 -3.13
N LEU C 259 22.85 -14.01 -3.32
CA LEU C 259 23.22 -14.66 -4.56
C LEU C 259 22.25 -14.30 -5.67
N PHE C 260 22.78 -13.89 -6.82
CA PHE C 260 21.99 -13.63 -8.02
C PHE C 260 22.00 -14.89 -8.86
N ILE C 261 20.85 -15.58 -8.90
CA ILE C 261 20.69 -16.78 -9.71
C ILE C 261 19.91 -16.41 -10.96
N ALA C 262 20.53 -16.62 -12.12
CA ALA C 262 19.92 -16.30 -13.42
C ALA C 262 19.53 -17.60 -14.10
N ASP C 263 18.23 -17.83 -14.25
CA ASP C 263 17.71 -19.01 -14.93
C ASP C 263 17.74 -18.74 -16.43
N GLU C 264 18.77 -19.24 -17.11
CA GLU C 264 18.93 -19.09 -18.55
C GLU C 264 18.65 -20.40 -19.29
N ILE C 265 17.79 -21.25 -18.72
CA ILE C 265 17.47 -22.52 -19.36
C ILE C 265 16.75 -22.29 -20.68
N GLN C 266 16.01 -21.19 -20.80
CA GLN C 266 15.30 -20.82 -22.02
C GLN C 266 15.94 -19.68 -22.78
N THR C 267 16.47 -18.67 -22.07
CA THR C 267 17.00 -17.49 -22.73
C THR C 267 18.45 -17.67 -23.20
N GLY C 268 19.19 -18.59 -22.61
CA GLY C 268 20.59 -18.74 -22.92
C GLY C 268 20.84 -19.50 -24.22
N LEU C 269 22.13 -19.66 -24.53
CA LEU C 269 22.59 -20.43 -25.67
C LEU C 269 22.03 -19.88 -26.99
N ALA C 270 22.18 -18.57 -27.17
CA ALA C 270 22.01 -17.81 -28.40
C ALA C 270 20.55 -17.56 -28.79
N ARG C 271 19.56 -18.00 -28.00
CA ARG C 271 18.17 -17.82 -28.41
C ARG C 271 17.78 -16.35 -28.49
N THR C 272 18.32 -15.51 -27.61
CA THR C 272 17.97 -14.10 -27.58
C THR C 272 18.99 -13.20 -28.26
N GLY C 273 20.01 -13.76 -28.90
CA GLY C 273 21.01 -12.97 -29.60
C GLY C 273 22.35 -12.87 -28.91
N ARG C 274 22.50 -13.44 -27.72
CA ARG C 274 23.77 -13.46 -27.00
C ARG C 274 23.97 -14.85 -26.44
N TRP C 275 25.18 -15.12 -25.95
CA TRP C 275 25.43 -16.37 -25.24
C TRP C 275 24.50 -16.50 -24.03
N LEU C 276 24.28 -15.41 -23.32
CA LEU C 276 23.30 -15.34 -22.25
C LEU C 276 22.55 -14.02 -22.38
N ALA C 277 21.27 -14.03 -21.99
CA ALA C 277 20.48 -12.82 -22.05
C ALA C 277 21.06 -11.72 -21.15
N VAL C 278 21.74 -12.13 -20.07
CA VAL C 278 22.35 -11.15 -19.17
C VAL C 278 23.52 -10.45 -19.81
N ASP C 279 24.07 -10.99 -20.91
CA ASP C 279 25.19 -10.34 -21.58
C ASP C 279 24.77 -9.01 -22.20
N TYR C 280 23.48 -8.85 -22.51
CA TYR C 280 22.99 -7.59 -23.06
C TYR C 280 23.29 -6.41 -22.15
N GLU C 281 23.45 -6.64 -20.85
CA GLU C 281 23.75 -5.58 -19.89
C GLU C 281 25.08 -5.80 -19.16
N ASN C 282 25.91 -6.73 -19.65
CA ASN C 282 27.22 -7.02 -19.07
C ASN C 282 27.11 -7.33 -17.58
N VAL C 283 26.16 -8.21 -17.25
CA VAL C 283 25.85 -8.59 -15.87
C VAL C 283 26.32 -10.01 -15.64
N ARG C 284 27.12 -10.22 -14.59
CA ARG C 284 27.64 -11.53 -14.24
C ARG C 284 26.90 -12.07 -13.02
N PRO C 285 25.94 -12.97 -13.18
CA PRO C 285 25.23 -13.51 -12.02
C PRO C 285 26.12 -14.45 -11.22
N ASP C 286 25.74 -14.67 -9.97
CA ASP C 286 26.49 -15.57 -9.11
C ASP C 286 26.31 -17.02 -9.54
N ILE C 287 25.09 -17.38 -9.94
CA ILE C 287 24.77 -18.73 -10.39
C ILE C 287 24.02 -18.63 -11.71
N VAL C 288 24.48 -19.38 -12.72
CA VAL C 288 23.83 -19.44 -14.03
C VAL C 288 23.27 -20.83 -14.23
N LEU C 289 22.01 -20.91 -14.64
CA LEU C 289 21.36 -22.17 -14.94
C LEU C 289 21.27 -22.36 -16.45
N LEU C 290 21.75 -23.49 -16.94
CA LEU C 290 21.67 -23.83 -18.35
C LEU C 290 20.97 -25.18 -18.52
N GLY C 291 20.30 -25.33 -19.65
CA GLY C 291 19.58 -26.54 -19.96
C GLY C 291 19.04 -26.48 -21.37
N LYS C 292 18.25 -27.48 -21.74
CA LYS C 292 17.47 -27.50 -22.98
C LYS C 292 18.31 -27.48 -24.25
N ALA C 293 18.77 -26.29 -24.64
CA ALA C 293 19.54 -26.13 -25.87
C ALA C 293 20.93 -26.74 -25.71
N LEU C 294 21.28 -27.03 -24.47
CA LEU C 294 22.58 -27.60 -24.12
C LEU C 294 22.84 -28.93 -24.82
N SER C 295 21.82 -29.54 -25.43
CA SER C 295 21.98 -30.82 -26.11
C SER C 295 21.39 -30.83 -27.52
N GLY C 296 20.75 -29.76 -27.95
CA GLY C 296 20.08 -29.77 -29.24
C GLY C 296 18.85 -30.63 -29.30
N GLY C 297 18.30 -31.02 -28.15
CA GLY C 297 17.12 -31.86 -28.12
C GLY C 297 17.39 -33.35 -28.21
N LEU C 298 18.65 -33.77 -28.15
CA LEU C 298 19.01 -35.17 -28.31
C LEU C 298 19.19 -35.90 -26.98
N TYR C 299 19.18 -35.18 -25.86
CA TYR C 299 19.47 -35.77 -24.55
C TYR C 299 19.14 -34.76 -23.45
N PRO C 300 18.55 -35.18 -22.34
CA PRO C 300 18.33 -34.25 -21.22
C PRO C 300 19.63 -33.90 -20.52
N VAL C 301 20.13 -32.67 -20.74
CA VAL C 301 21.36 -32.20 -20.12
C VAL C 301 21.14 -30.79 -19.62
N SER C 302 21.44 -30.56 -18.33
CA SER C 302 21.39 -29.24 -17.73
C SER C 302 22.65 -29.01 -16.91
N ALA C 303 22.88 -27.75 -16.54
CA ALA C 303 24.13 -27.39 -15.88
C ALA C 303 23.91 -26.22 -14.92
N VAL C 304 24.73 -26.18 -13.88
CA VAL C 304 24.73 -25.11 -12.89
C VAL C 304 26.15 -24.55 -12.80
N LEU C 305 26.32 -23.29 -13.15
CA LEU C 305 27.63 -22.65 -13.20
C LEU C 305 27.74 -21.62 -12.07
N CYS C 306 28.83 -21.70 -11.32
CA CYS C 306 29.15 -20.73 -10.27
C CYS C 306 30.60 -20.92 -9.88
N ASP C 307 31.12 -19.95 -9.13
CA ASP C 307 32.52 -19.97 -8.72
C ASP C 307 32.71 -20.87 -7.50
N ASP C 308 33.96 -20.93 -7.02
CA ASP C 308 34.32 -21.93 -6.01
C ASP C 308 33.68 -21.63 -4.66
N ASP C 309 33.62 -20.35 -4.27
CA ASP C 309 33.10 -20.00 -2.95
C ASP C 309 31.62 -20.34 -2.79
N ILE C 310 30.91 -20.57 -3.89
CA ILE C 310 29.53 -21.05 -3.85
C ILE C 310 29.45 -22.55 -4.12
N MET C 311 30.16 -22.99 -5.17
CA MET C 311 30.10 -24.39 -5.59
C MET C 311 30.54 -25.34 -4.47
N LEU C 312 31.64 -25.00 -3.81
CA LEU C 312 32.28 -25.93 -2.87
C LEU C 312 31.62 -25.96 -1.50
N THR C 313 30.46 -25.32 -1.34
CA THR C 313 29.71 -25.49 -0.11
C THR C 313 29.06 -26.87 -0.02
N ILE C 314 28.89 -27.54 -1.16
CA ILE C 314 28.35 -28.90 -1.20
C ILE C 314 29.53 -29.87 -1.21
N LYS C 315 29.57 -30.75 -0.21
CA LYS C 315 30.66 -31.71 -0.04
C LYS C 315 30.33 -33.01 -0.77
N PRO C 316 31.32 -33.89 -0.95
CA PRO C 316 31.03 -35.18 -1.59
C PRO C 316 29.95 -35.97 -0.87
N GLY C 317 29.05 -36.56 -1.64
CA GLY C 317 27.94 -37.32 -1.11
C GLY C 317 26.70 -36.51 -0.79
N GLU C 318 26.75 -35.19 -0.90
CA GLU C 318 25.68 -34.33 -0.43
C GLU C 318 24.71 -33.90 -1.54
N HIS C 319 24.96 -34.30 -2.78
CA HIS C 319 24.07 -33.98 -3.88
C HIS C 319 24.54 -34.72 -5.14
N GLY C 320 23.61 -34.99 -6.04
CA GLY C 320 23.96 -35.62 -7.29
C GLY C 320 22.74 -36.10 -8.05
N SER C 321 22.97 -37.04 -8.95
CA SER C 321 21.94 -37.60 -9.82
C SER C 321 22.52 -38.81 -10.54
N THR C 322 21.66 -39.77 -10.87
CA THR C 322 22.12 -41.00 -11.50
C THR C 322 22.72 -40.72 -12.87
N TYR C 323 21.97 -40.05 -13.74
CA TYR C 323 22.41 -39.79 -15.10
C TYR C 323 23.18 -38.48 -15.24
N GLY C 324 23.29 -37.70 -14.17
CA GLY C 324 23.98 -36.42 -14.25
C GLY C 324 25.45 -36.60 -14.54
N GLY C 325 25.92 -36.01 -15.64
CA GLY C 325 27.32 -36.12 -16.01
C GLY C 325 27.69 -37.39 -16.74
N ASN C 326 26.73 -38.14 -17.24
CA ASN C 326 27.02 -39.36 -17.97
C ASN C 326 27.80 -39.04 -19.25
N PRO C 327 28.66 -39.95 -19.71
CA PRO C 327 29.51 -39.63 -20.87
C PRO C 327 28.75 -39.44 -22.17
N LEU C 328 27.61 -40.13 -22.35
CA LEU C 328 26.85 -39.96 -23.58
C LEU C 328 26.32 -38.54 -23.70
N GLY C 329 25.66 -38.03 -22.66
CA GLY C 329 25.14 -36.67 -22.70
C GLY C 329 26.22 -35.62 -22.77
N CYS C 330 27.40 -35.90 -22.22
CA CYS C 330 28.48 -34.92 -22.25
C CYS C 330 29.01 -34.73 -23.66
N ARG C 331 29.09 -35.81 -24.45
CA ARG C 331 29.52 -35.68 -25.83
C ARG C 331 28.55 -34.83 -26.63
N VAL C 332 27.25 -35.12 -26.52
CA VAL C 332 26.25 -34.35 -27.27
C VAL C 332 26.16 -32.92 -26.75
N ALA C 333 26.61 -32.66 -25.52
CA ALA C 333 26.61 -31.29 -25.02
C ALA C 333 27.79 -30.49 -25.55
N ILE C 334 28.96 -31.13 -25.64
CA ILE C 334 30.13 -30.47 -26.23
C ILE C 334 29.84 -30.10 -27.68
N ALA C 335 29.27 -31.05 -28.43
CA ALA C 335 28.93 -30.78 -29.83
C ALA C 335 27.90 -29.67 -29.93
N ALA C 336 26.81 -29.78 -29.17
CA ALA C 336 25.74 -28.79 -29.24
C ALA C 336 26.26 -27.39 -28.92
N LEU C 337 27.20 -27.28 -27.97
CA LEU C 337 27.85 -25.99 -27.73
C LEU C 337 28.75 -25.60 -28.88
N GLU C 338 29.33 -26.57 -29.58
CA GLU C 338 30.25 -26.26 -30.66
C GLU C 338 29.53 -25.71 -31.88
N VAL C 339 28.41 -26.32 -32.27
CA VAL C 339 27.69 -25.79 -33.42
C VAL C 339 27.10 -24.41 -33.10
N LEU C 340 26.77 -24.15 -31.84
CA LEU C 340 26.32 -22.82 -31.44
C LEU C 340 27.41 -21.78 -31.66
N GLU C 341 28.65 -22.13 -31.31
CA GLU C 341 29.77 -21.20 -31.46
C GLU C 341 30.12 -21.01 -32.94
N GLU C 342 30.46 -22.10 -33.63
CA GLU C 342 31.06 -22.03 -34.94
C GLU C 342 30.10 -21.69 -36.07
N GLU C 343 28.79 -21.57 -35.79
CA GLU C 343 27.84 -21.13 -36.80
C GLU C 343 27.22 -19.78 -36.47
N ASN C 344 27.68 -19.13 -35.40
CA ASN C 344 27.32 -17.75 -35.08
C ASN C 344 25.81 -17.56 -34.95
N LEU C 345 25.14 -18.54 -34.31
CA LEU C 345 23.69 -18.48 -34.22
C LEU C 345 23.21 -17.29 -33.39
N ALA C 346 24.04 -16.81 -32.47
CA ALA C 346 23.67 -15.63 -31.70
C ALA C 346 23.57 -14.40 -32.59
N GLU C 347 24.53 -14.21 -33.48
CA GLU C 347 24.45 -13.10 -34.43
C GLU C 347 23.28 -13.27 -35.38
N ASN C 348 23.04 -14.51 -35.84
CA ASN C 348 21.89 -14.77 -36.70
C ASN C 348 20.58 -14.50 -35.98
N ALA C 349 20.47 -14.97 -34.73
CA ALA C 349 19.23 -14.76 -33.98
C ALA C 349 18.96 -13.28 -33.74
N ASP C 350 20.02 -12.50 -33.55
CA ASP C 350 19.86 -11.06 -33.34
C ASP C 350 19.40 -10.38 -34.63
N LYS C 351 20.09 -10.65 -35.75
CA LYS C 351 19.72 -10.04 -37.02
C LYS C 351 18.30 -10.41 -37.42
N LEU C 352 17.96 -11.70 -37.35
CA LEU C 352 16.67 -12.16 -37.83
C LEU C 352 15.54 -11.80 -36.85
N GLY C 353 15.87 -11.64 -35.57
CA GLY C 353 14.85 -11.26 -34.60
C GLY C 353 14.35 -9.85 -34.82
N ILE C 354 15.24 -8.94 -35.21
CA ILE C 354 14.82 -7.57 -35.54
C ILE C 354 13.86 -7.59 -36.72
N ILE C 355 14.15 -8.42 -37.73
CA ILE C 355 13.28 -8.52 -38.89
C ILE C 355 11.92 -9.08 -38.48
N LEU C 356 11.93 -10.17 -37.72
CA LEU C 356 10.66 -10.81 -37.32
C LEU C 356 9.79 -9.86 -36.53
N ARG C 357 10.37 -9.13 -35.58
CA ARG C 357 9.58 -8.18 -34.80
C ARG C 357 9.07 -7.03 -35.68
N ASN C 358 9.94 -6.51 -36.55
CA ASN C 358 9.52 -5.42 -37.44
C ASN C 358 8.32 -5.81 -38.27
N GLU C 359 8.34 -7.02 -38.84
CA GLU C 359 7.23 -7.47 -39.67
C GLU C 359 5.97 -7.70 -38.83
N LEU C 360 6.13 -8.20 -37.60
CA LEU C 360 4.97 -8.52 -36.78
C LEU C 360 4.23 -7.25 -36.32
N MET C 361 4.97 -6.15 -36.09
CA MET C 361 4.31 -4.91 -35.69
C MET C 361 3.49 -4.29 -36.80
N LYS C 362 3.65 -4.75 -38.05
CA LYS C 362 2.83 -4.28 -39.15
C LYS C 362 1.42 -4.87 -39.13
N LEU C 363 1.17 -5.86 -38.28
CA LEU C 363 -0.17 -6.40 -38.15
C LEU C 363 -1.09 -5.37 -37.50
N PRO C 364 -2.38 -5.38 -37.86
CA PRO C 364 -3.29 -4.33 -37.37
C PRO C 364 -3.38 -4.30 -35.86
N SER C 365 -3.52 -3.10 -35.32
CA SER C 365 -3.61 -2.91 -33.87
C SER C 365 -4.89 -3.50 -33.29
N ASP C 366 -5.94 -3.65 -34.10
CA ASP C 366 -7.18 -4.23 -33.61
C ASP C 366 -7.07 -5.73 -33.37
N VAL C 367 -6.06 -6.38 -33.93
CA VAL C 367 -5.90 -7.82 -33.84
C VAL C 367 -4.69 -8.21 -33.00
N VAL C 368 -3.54 -7.58 -33.25
CA VAL C 368 -2.31 -7.83 -32.50
C VAL C 368 -2.06 -6.61 -31.64
N THR C 369 -2.19 -6.77 -30.32
CA THR C 369 -2.09 -5.65 -29.39
C THR C 369 -0.69 -5.41 -28.86
N ALA C 370 0.23 -6.35 -29.06
CA ALA C 370 1.58 -6.19 -28.55
C ALA C 370 2.52 -7.16 -29.28
N VAL C 371 3.76 -6.72 -29.45
CA VAL C 371 4.84 -7.53 -29.99
C VAL C 371 6.06 -7.31 -29.12
N ARG C 372 6.61 -8.39 -28.56
CA ARG C 372 7.74 -8.29 -27.66
C ARG C 372 8.68 -9.46 -27.87
N GLY C 373 9.92 -9.27 -27.45
CA GLY C 373 10.90 -10.33 -27.51
C GLY C 373 12.30 -9.77 -27.72
N LYS C 374 13.26 -10.70 -27.70
CA LYS C 374 14.66 -10.39 -27.98
C LYS C 374 15.27 -11.57 -28.71
N GLY C 375 16.06 -11.27 -29.73
CA GLY C 375 16.56 -12.35 -30.58
C GLY C 375 15.41 -13.07 -31.24
N LEU C 376 15.51 -14.40 -31.31
CA LEU C 376 14.46 -15.23 -31.90
C LEU C 376 13.52 -15.81 -30.84
N LEU C 377 13.42 -15.16 -29.69
CA LEU C 377 12.43 -15.48 -28.67
C LEU C 377 11.42 -14.33 -28.63
N ASN C 378 10.25 -14.53 -29.24
CA ASN C 378 9.28 -13.47 -29.43
C ASN C 378 7.88 -13.99 -29.20
N ALA C 379 6.95 -13.07 -28.97
CA ALA C 379 5.55 -13.40 -28.79
C ALA C 379 4.69 -12.23 -29.23
N ILE C 380 3.47 -12.52 -29.63
CA ILE C 380 2.47 -11.52 -29.97
C ILE C 380 1.26 -11.74 -29.07
N VAL C 381 0.62 -10.64 -28.67
CA VAL C 381 -0.56 -10.67 -27.81
C VAL C 381 -1.79 -10.45 -28.67
N ILE C 382 -2.78 -11.33 -28.53
CA ILE C 382 -3.97 -11.34 -29.38
C ILE C 382 -5.10 -10.62 -28.65
N LYS C 383 -5.82 -9.76 -29.38
CA LYS C 383 -7.04 -9.14 -28.87
C LYS C 383 -8.11 -10.23 -28.79
N GLU C 384 -8.08 -10.97 -27.68
CA GLU C 384 -8.97 -12.12 -27.54
C GLU C 384 -10.41 -11.68 -27.37
N THR C 385 -11.29 -12.28 -28.17
CA THR C 385 -12.72 -12.15 -28.01
C THR C 385 -13.25 -13.42 -27.33
N LYS C 386 -14.57 -13.60 -27.34
CA LYS C 386 -15.15 -14.86 -26.91
C LYS C 386 -15.24 -15.88 -28.03
N ASP C 387 -15.06 -15.44 -29.29
CA ASP C 387 -15.11 -16.34 -30.44
C ASP C 387 -13.75 -16.56 -31.09
N TRP C 388 -12.75 -15.76 -30.75
CA TRP C 388 -11.45 -15.81 -31.43
C TRP C 388 -10.35 -15.71 -30.39
N ASP C 389 -9.49 -16.72 -30.33
CA ASP C 389 -8.46 -16.79 -29.32
C ASP C 389 -7.17 -17.33 -29.93
N ALA C 390 -6.14 -17.46 -29.09
CA ALA C 390 -4.83 -17.88 -29.56
C ALA C 390 -4.80 -19.35 -29.95
N TRP C 391 -5.70 -20.16 -29.36
CA TRP C 391 -5.76 -21.57 -29.73
C TRP C 391 -6.28 -21.76 -31.14
N LYS C 392 -7.30 -20.98 -31.53
CA LYS C 392 -7.82 -21.08 -32.89
C LYS C 392 -6.82 -20.52 -33.91
N VAL C 393 -6.05 -19.50 -33.52
CA VAL C 393 -5.01 -18.97 -34.41
C VAL C 393 -3.95 -20.04 -34.65
N CYS C 394 -3.56 -20.76 -33.60
CA CYS C 394 -2.52 -21.78 -33.74
C CYS C 394 -3.04 -23.00 -34.48
N LEU C 395 -4.35 -23.26 -34.42
CA LEU C 395 -4.93 -24.31 -35.24
C LEU C 395 -4.83 -23.96 -36.72
N ARG C 396 -5.25 -22.75 -37.08
CA ARG C 396 -5.18 -22.32 -38.48
C ARG C 396 -3.74 -22.18 -38.94
N LEU C 397 -2.85 -21.73 -38.06
CA LEU C 397 -1.44 -21.65 -38.43
C LEU C 397 -0.89 -23.04 -38.75
N ARG C 398 -1.35 -24.06 -38.02
CA ARG C 398 -0.98 -25.43 -38.35
C ARG C 398 -1.52 -25.82 -39.72
N ASP C 399 -2.73 -25.37 -40.04
CA ASP C 399 -3.32 -25.68 -41.34
C ASP C 399 -2.52 -25.07 -42.48
N ASN C 400 -1.92 -23.90 -42.25
CA ASN C 400 -1.12 -23.22 -43.26
C ASN C 400 0.36 -23.59 -43.20
N GLY C 401 0.73 -24.55 -42.34
CA GLY C 401 2.08 -25.08 -42.34
C GLY C 401 3.03 -24.48 -41.33
N LEU C 402 2.53 -23.83 -40.28
CA LEU C 402 3.38 -23.32 -39.21
C LEU C 402 2.89 -23.88 -37.88
N LEU C 403 3.82 -24.40 -37.08
CA LEU C 403 3.50 -24.98 -35.79
C LEU C 403 3.95 -24.03 -34.69
N ALA C 404 2.99 -23.55 -33.92
CA ALA C 404 3.27 -22.65 -32.82
C ALA C 404 2.26 -22.91 -31.72
N LYS C 405 2.58 -22.38 -30.53
CA LYS C 405 1.75 -22.64 -29.38
C LYS C 405 1.37 -21.43 -28.57
N PRO C 406 0.12 -21.40 -28.13
CA PRO C 406 -0.34 -20.33 -27.25
C PRO C 406 0.08 -20.62 -25.82
N THR C 407 0.17 -19.55 -25.04
CA THR C 407 0.64 -19.67 -23.67
C THR C 407 -0.38 -19.19 -22.64
N HIS C 408 -1.44 -18.49 -23.06
CA HIS C 408 -2.42 -17.97 -22.11
C HIS C 408 -3.78 -17.77 -22.77
N GLY C 409 -3.94 -18.19 -24.02
CA GLY C 409 -5.16 -17.96 -24.76
C GLY C 409 -5.22 -16.65 -25.50
N ASP C 410 -4.35 -15.69 -25.17
CA ASP C 410 -4.21 -14.46 -25.92
C ASP C 410 -2.77 -14.16 -26.31
N ILE C 411 -1.83 -15.03 -25.97
CA ILE C 411 -0.42 -14.88 -26.32
C ILE C 411 -0.01 -16.06 -27.18
N ILE C 412 0.73 -15.78 -28.25
CA ILE C 412 1.29 -16.81 -29.12
C ILE C 412 2.79 -16.56 -29.25
N ARG C 413 3.59 -17.58 -28.90
CA ARG C 413 5.03 -17.48 -28.98
C ARG C 413 5.51 -17.83 -30.39
N PHE C 414 6.48 -17.08 -30.87
CA PHE C 414 7.16 -17.35 -32.14
C PHE C 414 8.64 -17.51 -31.84
N ALA C 415 9.16 -18.73 -31.98
CA ALA C 415 10.56 -19.03 -31.67
C ALA C 415 11.05 -20.15 -32.56
N PRO C 416 11.43 -19.84 -33.79
CA PRO C 416 11.96 -20.87 -34.70
C PRO C 416 13.42 -21.16 -34.36
N PRO C 417 13.94 -22.30 -34.82
CA PRO C 417 15.34 -22.62 -34.54
C PRO C 417 16.28 -21.58 -35.12
N LEU C 418 17.42 -21.39 -34.45
CA LEU C 418 18.34 -20.32 -34.81
C LEU C 418 19.09 -20.59 -36.11
N VAL C 419 18.94 -21.78 -36.70
CA VAL C 419 19.55 -22.07 -37.99
C VAL C 419 18.70 -21.61 -39.16
N ILE C 420 17.54 -20.99 -38.89
CA ILE C 420 16.69 -20.48 -39.95
C ILE C 420 17.43 -19.38 -40.71
N LYS C 421 17.13 -19.29 -42.02
CA LYS C 421 17.69 -18.26 -42.88
C LYS C 421 16.61 -17.22 -43.17
N GLU C 422 17.06 -16.07 -43.69
CA GLU C 422 16.17 -14.91 -43.79
C GLU C 422 14.99 -15.19 -44.73
N ASP C 423 15.25 -15.83 -45.87
CA ASP C 423 14.16 -16.13 -46.79
C ASP C 423 13.18 -17.12 -46.18
N GLU C 424 13.69 -18.15 -45.52
CA GLU C 424 12.83 -19.07 -44.78
C GLU C 424 12.02 -18.33 -43.72
N LEU C 425 12.67 -17.42 -43.00
CA LEU C 425 11.97 -16.60 -42.03
C LEU C 425 10.89 -15.76 -42.69
N ARG C 426 11.18 -15.21 -43.88
CA ARG C 426 10.22 -14.36 -44.56
C ARG C 426 9.07 -15.16 -45.14
N GLU C 427 9.31 -16.43 -45.50
CA GLU C 427 8.21 -17.28 -45.92
C GLU C 427 7.32 -17.65 -44.73
N SER C 428 7.90 -17.75 -43.53
CA SER C 428 7.12 -18.06 -42.35
C SER C 428 6.32 -16.84 -41.90
N ILE C 429 6.88 -15.65 -42.04
CA ILE C 429 6.15 -14.43 -41.69
C ILE C 429 4.89 -14.31 -42.54
N GLU C 430 5.02 -14.55 -43.84
CA GLU C 430 3.86 -14.48 -44.73
C GLU C 430 2.84 -15.56 -44.39
N ILE C 431 3.28 -16.69 -43.84
CA ILE C 431 2.34 -17.67 -43.32
C ILE C 431 1.62 -17.12 -42.10
N ILE C 432 2.33 -16.40 -41.23
CA ILE C 432 1.69 -15.76 -40.09
C ILE C 432 0.75 -14.67 -40.56
N ASN C 433 1.17 -13.87 -41.54
CA ASN C 433 0.32 -12.80 -42.07
C ASN C 433 -0.94 -13.37 -42.69
N LYS C 434 -0.79 -14.41 -43.53
CA LYS C 434 -1.97 -15.02 -44.15
C LYS C 434 -2.93 -15.54 -43.10
N THR C 435 -2.41 -16.20 -42.06
CA THR C 435 -3.28 -16.74 -41.02
C THR C 435 -3.94 -15.63 -40.23
N ILE C 436 -3.16 -14.61 -39.82
CA ILE C 436 -3.69 -13.56 -38.96
C ILE C 436 -4.78 -12.76 -39.68
N LEU C 437 -4.59 -12.48 -40.97
CA LEU C 437 -5.55 -11.71 -41.74
C LEU C 437 -6.63 -12.56 -42.39
N SER C 438 -6.68 -13.85 -42.10
CA SER C 438 -7.71 -14.73 -42.65
C SER C 438 -8.92 -14.86 -41.74
N PHE C 439 -8.90 -14.24 -40.56
CA PHE C 439 -10.03 -14.31 -39.65
C PHE C 439 -10.97 -13.13 -39.85
C02 I3B D . -2.08 14.07 20.82
C03 I3B D . -1.64 13.19 19.63
C05 I3B D . -0.35 13.11 19.35
C07 I3B D . 0.32 14.59 21.16
C09 I3B D . -1.16 14.72 21.53
C27 I3B D . -7.41 10.61 23.75
C29 I3B D . -5.63 12.35 23.37
O13 I3B D . -3.42 13.23 18.00
O32 I3B D . -6.70 8.92 22.17
C01 I3B D . -3.55 14.25 21.23
C04 I3B D . -2.64 12.40 18.79
C08 I3B D . 1.38 15.34 21.95
C26 I3B D . -7.66 9.51 22.74
C28 I3B D . -5.92 10.95 23.88
C30 I3B D . -4.48 12.39 22.37
N06 I3B D . 0.69 13.81 20.12
N33 I3B D . -3.74 13.62 22.53
O10 I3B D . -1.58 15.52 22.60
O12 I3B D . -5.62 13.57 16.70
O14 I3B D . -5.53 11.89 18.53
O15 I3B D . -4.38 11.45 16.41
O31 I3B D . -8.84 9.19 22.46
P11 I3B D . -4.77 12.53 17.39
P PO4 E . 6.29 -6.94 3.91
O1 PO4 E . 5.31 -7.62 2.98
O2 PO4 E . 5.88 -7.22 5.35
O3 PO4 E . 6.29 -5.45 3.67
O4 PO4 E . 7.67 -7.49 3.66
C02 I3B F . -9.22 5.30 0.74
C03 I3B F . -8.52 4.95 2.08
C05 I3B F . -8.55 3.69 2.51
C07 I3B F . -9.84 2.90 0.59
C09 I3B F . -9.84 4.34 0.04
C27 I3B F . -5.63 9.22 -2.32
C29 I3B F . -7.77 7.99 -2.92
O13 I3B F . -8.72 6.93 3.41
O32 I3B F . -4.35 10.04 -0.45
C01 I3B F . -9.22 6.74 0.22
C04 I3B F . -7.80 6.01 2.90
C08 I3B F . -10.54 1.79 -0.18
C26 I3B F . -5.04 10.33 -1.45
C28 I3B F . -7.15 9.14 -2.13
C30 I3B F . -8.76 7.20 -2.09
N06 I3B F . -9.22 2.62 1.76
N33 I3B F . -8.18 6.91 -0.78
O10 I3B F . -10.48 4.64 -1.16
O12 I3B F . -7.05 8.12 4.96
O14 I3B F . -9.21 9.22 4.50
O15 I3B F . -7.48 9.05 2.72
O31 I3B F . -5.25 11.53 -1.75
P11 I3B F . -8.10 8.37 3.92
P PO4 G . 5.06 -20.05 -0.14
O1 PO4 G . 4.70 -21.00 -1.26
O2 PO4 G . 3.94 -20.01 0.87
O3 PO4 G . 5.27 -18.66 -0.71
O4 PO4 G . 6.34 -20.51 0.53
C02 I3B H . 12.39 -24.63 -18.49
C03 I3B H . 12.51 -25.17 -17.06
C05 I3B H . 12.92 -24.35 -16.09
C07 I3B H . 13.15 -22.45 -17.59
C09 I3B H . 12.70 -23.35 -18.75
C27 I3B H . 7.71 -27.71 -20.89
C29 I3B H . 8.62 -25.34 -21.01
O13 I3B H . 13.10 -27.46 -17.34
O32 I3B H . 6.85 -28.57 -18.80
C01 I3B H . 11.95 -25.56 -19.62
C04 I3B H . 12.16 -26.63 -16.73
C08 I3B H . 13.50 -20.99 -17.84
C26 I3B H . 6.85 -28.66 -20.06
C28 I3B H . 7.49 -26.25 -20.52
C30 I3B H . 9.67 -25.09 -19.92
N06 I3B H . 13.24 -22.94 -16.33
N33 I3B H . 10.99 -24.90 -20.49
O10 I3B H . 12.61 -22.85 -20.05
O12 I3B H . 12.56 -29.80 -16.44
O14 I3B H . 11.26 -28.95 -18.33
O15 I3B H . 13.64 -29.61 -18.65
O31 I3B H . 6.14 -29.52 -20.63
P11 I3B H . 12.63 -28.99 -17.70
#